data_4NUY
#
_entry.id   4NUY
#
_cell.length_a   92.388
_cell.length_b   94.650
_cell.length_c   142.920
_cell.angle_alpha   90.000
_cell.angle_beta   90.000
_cell.angle_gamma   90.000
#
_symmetry.space_group_name_H-M   'P 21 21 21'
#
loop_
_entity.id
_entity.type
_entity.pdbx_description
1 polymer 'Endo-beta-N-acetylglucosaminidase F2'
2 non-polymer 'CALCIUM ION'
3 water water
#
_entity_poly.entity_id   1
_entity_poly.type   'polypeptide(L)'
_entity_poly.pdbx_seq_one_letter_code
;MKIPEKIPMKPLHGPLYGGYFRTWHDKTSDPTEKDKVNSMGELPKEVDLAFIFHDWTKDYSLFWKELATKHVPKLNKQGT
RVIRTIPWRFLAGGDNSGIAEDTSKYPNTPEGNKALAKAIVDEYVYKYNLDGLDVDVEHDSIPKVDKKEDTAGVERSIQV
FEEIGKLIGPKGVDKSRLFIMDSTYMADKNPLIERGAPYINLLLVQVYGSQGEKGGWEPVSNRPEKTMEERWQGYSKYIR
PEQYMIGFSFYEENAQEGNLWYDINSRKDEDKANGINTDITGTRAERYARWQPKTGGVKGGIFSYAIDRDGVAHQPKKYA
KQKEFKDATDNIFHSDYSVSKALKTVMLKDKSYDLIDEKDFPDKALREAVMAQVGTRKGDLERFNGTLRLDNPAIQSLEG
LNKFKKLAQLDLIGLSRITKLDRSVLPANMKPGKDTLETVLETYKKDNKEEPATIPPVSLKVSGLTGLKELDLSGFDRET
LAGLDAATLTSLEKVDISGNKLDLAPGTENRQIFDTMLSTISNHVGSNEQTVKFDKQKPTGHYPDTYGKTSLRLPVANEK
VDLQSQLLFGTVTNQGTLINSEADYKAYQNHKIAGRSFVDSNYHYNNFKVSYENYTVKVTDSTLGTTTDKTLATDKEETY
KVDFFSPADKTKAVHTAKVIVGDEKTMMVNLAEGATVIGGSADPVNARKVFDGQLGSETDNISLGWDSKQSIIFKLKEDG
LIKHWRFFNDSARNPETTNKPIQEASLQIFNIKDYNLDNLLENPNKFDDEKYWITVDTYSAQGERATAFSNTLNNITSKY
WRVVFDTKGDRYSSPVVPELQILGYPLPNADTIMKTVTTAKELSQQKDKFSQKMLDELKIKEMALETSLNSKIFDVTAIN
ANAGVLKDCIEKRQLLKKL
;
_entity_poly.pdbx_strand_id   A
#
loop_
_chem_comp.id
_chem_comp.type
_chem_comp.name
_chem_comp.formula
CA non-polymer 'CALCIUM ION' 'Ca 2'
#
# COMPACT_ATOMS: atom_id res chain seq x y z
N PRO A 4 38.13 -32.85 20.86
CA PRO A 4 39.43 -32.47 20.29
C PRO A 4 39.60 -30.96 20.15
N GLU A 5 40.85 -30.51 20.08
CA GLU A 5 41.16 -29.09 19.99
C GLU A 5 40.68 -28.50 18.66
N LYS A 6 40.18 -27.27 18.70
CA LYS A 6 39.56 -26.65 17.54
C LYS A 6 40.56 -26.13 16.50
N ILE A 7 40.49 -26.71 15.30
CA ILE A 7 41.32 -26.30 14.18
C ILE A 7 40.87 -24.94 13.67
N PRO A 8 41.75 -23.93 13.74
CA PRO A 8 41.42 -22.57 13.30
C PRO A 8 41.07 -22.53 11.81
N MET A 9 40.08 -21.71 11.46
CA MET A 9 39.59 -21.65 10.09
C MET A 9 39.52 -20.21 9.60
N LYS A 10 39.77 -20.03 8.30
CA LYS A 10 39.70 -18.72 7.68
C LYS A 10 38.30 -18.13 7.82
N PRO A 11 38.22 -16.80 8.01
CA PRO A 11 36.94 -16.10 8.16
C PRO A 11 36.00 -16.39 6.99
N LEU A 12 34.71 -16.42 7.28
CA LEU A 12 33.69 -16.71 6.28
C LEU A 12 33.80 -15.74 5.09
N HIS A 13 33.77 -16.31 3.90
CA HIS A 13 33.90 -15.50 2.68
C HIS A 13 33.08 -16.10 1.55
N GLY A 14 31.95 -15.48 1.22
CA GLY A 14 31.04 -15.97 0.21
C GLY A 14 31.64 -16.01 -1.18
N PRO A 15 30.92 -16.62 -2.14
CA PRO A 15 29.59 -17.22 -1.98
C PRO A 15 29.64 -18.56 -1.25
N LEU A 16 28.68 -18.79 -0.36
CA LEU A 16 28.70 -19.95 0.51
C LEU A 16 27.72 -21.04 0.07
N TYR A 17 28.04 -22.28 0.41
CA TYR A 17 27.09 -23.39 0.24
C TYR A 17 26.84 -24.07 1.58
N GLY A 18 25.57 -24.18 1.94
CA GLY A 18 25.17 -24.85 3.16
C GLY A 18 24.40 -26.12 2.85
N GLY A 19 24.26 -26.99 3.84
CA GLY A 19 23.56 -28.25 3.67
C GLY A 19 23.06 -28.80 4.98
N TYR A 20 21.79 -29.19 5.01
CA TYR A 20 21.20 -29.77 6.21
C TYR A 20 21.30 -31.29 6.17
N PHE A 21 22.18 -31.84 7.00
CA PHE A 21 22.36 -33.28 7.09
C PHE A 21 21.47 -33.84 8.20
N ARG A 22 20.52 -34.67 7.82
CA ARG A 22 19.60 -35.25 8.78
C ARG A 22 20.30 -36.35 9.58
N THR A 23 20.26 -36.22 10.90
CA THR A 23 21.01 -37.11 11.78
C THR A 23 20.64 -38.58 11.64
N TRP A 24 19.39 -38.87 11.30
CA TRP A 24 18.95 -40.24 11.17
C TRP A 24 19.40 -40.92 9.87
N HIS A 25 20.40 -40.34 9.22
CA HIS A 25 20.99 -40.95 8.04
C HIS A 25 22.52 -41.06 8.15
N ASP A 26 23.03 -40.80 9.34
CA ASP A 26 24.43 -41.08 9.62
C ASP A 26 24.53 -42.52 10.12
N LYS A 27 25.56 -43.24 9.66
CA LYS A 27 25.73 -44.65 9.99
C LYS A 27 25.70 -44.89 11.49
N THR A 28 26.39 -44.04 12.24
CA THR A 28 26.58 -44.22 13.67
C THR A 28 25.35 -43.87 14.50
N SER A 29 24.30 -43.39 13.85
CA SER A 29 23.11 -42.95 14.56
C SER A 29 22.31 -44.09 15.16
N ASP A 30 21.96 -45.07 14.34
CA ASP A 30 21.18 -46.21 14.80
C ASP A 30 21.79 -47.53 14.35
N PRO A 31 22.41 -48.26 15.28
CA PRO A 31 23.07 -49.54 15.00
C PRO A 31 22.09 -50.62 14.56
N THR A 32 20.83 -50.46 14.91
CA THR A 32 19.80 -51.44 14.58
C THR A 32 19.70 -51.69 13.07
N GLU A 33 19.52 -50.61 12.32
CA GLU A 33 19.37 -50.70 10.87
C GLU A 33 20.73 -50.75 10.17
N LYS A 34 20.70 -50.99 8.87
CA LYS A 34 21.93 -51.01 8.07
C LYS A 34 21.70 -50.38 6.71
N ASP A 35 20.47 -49.92 6.47
CA ASP A 35 20.15 -49.25 5.22
C ASP A 35 20.73 -47.83 5.18
N LYS A 36 21.19 -47.35 6.33
CA LYS A 36 21.81 -46.03 6.44
C LYS A 36 23.32 -46.15 6.24
N VAL A 37 23.79 -45.82 5.04
CA VAL A 37 25.18 -46.01 4.68
C VAL A 37 25.93 -44.68 4.52
N ASN A 38 25.26 -43.58 4.89
CA ASN A 38 25.87 -42.26 4.78
C ASN A 38 26.47 -41.75 6.09
N SER A 39 27.46 -40.87 5.97
CA SER A 39 28.12 -40.30 7.13
C SER A 39 28.29 -38.80 6.94
N MET A 40 28.02 -38.04 8.00
CA MET A 40 28.08 -36.58 7.91
C MET A 40 29.51 -36.10 7.66
N GLY A 41 30.47 -36.90 8.08
CA GLY A 41 31.87 -36.57 7.90
C GLY A 41 32.33 -36.67 6.45
N GLU A 42 31.47 -37.20 5.58
CA GLU A 42 31.84 -37.39 4.19
C GLU A 42 31.57 -36.16 3.33
N LEU A 43 31.00 -35.12 3.93
CA LEU A 43 30.72 -33.87 3.22
C LEU A 43 32.02 -33.25 2.71
N PRO A 44 32.02 -32.81 1.44
CA PRO A 44 33.20 -32.27 0.77
C PRO A 44 33.55 -30.88 1.27
N LYS A 45 34.72 -30.38 0.86
CA LYS A 45 35.16 -29.04 1.23
C LYS A 45 34.32 -27.96 0.56
N GLU A 46 33.61 -28.34 -0.49
CA GLU A 46 32.72 -27.43 -1.22
C GLU A 46 31.60 -26.91 -0.31
N VAL A 47 31.27 -27.70 0.72
CA VAL A 47 30.27 -27.30 1.69
C VAL A 47 30.89 -26.40 2.75
N ASP A 48 30.41 -25.16 2.83
CA ASP A 48 30.95 -24.21 3.81
C ASP A 48 30.24 -24.35 5.15
N LEU A 49 28.98 -24.74 5.10
CA LEU A 49 28.18 -24.88 6.31
C LEU A 49 27.47 -26.22 6.38
N ALA A 50 27.95 -27.09 7.26
CA ALA A 50 27.29 -28.37 7.50
C ALA A 50 26.35 -28.23 8.69
N PHE A 51 25.06 -28.22 8.41
CA PHE A 51 24.04 -28.07 9.46
C PHE A 51 23.60 -29.43 9.99
N ILE A 52 23.45 -29.51 11.31
CA ILE A 52 22.99 -30.74 11.95
C ILE A 52 21.50 -30.64 12.23
N PHE A 53 20.70 -31.32 11.41
CA PHE A 53 19.28 -31.39 11.66
C PHE A 53 18.91 -32.67 12.38
N HIS A 54 18.43 -32.54 13.61
CA HIS A 54 18.24 -33.68 14.49
C HIS A 54 16.78 -34.04 14.74
N ASP A 55 16.53 -35.33 14.94
CA ASP A 55 15.23 -35.82 15.39
C ASP A 55 15.25 -35.81 16.92
N TRP A 56 14.58 -34.84 17.52
CA TRP A 56 14.67 -34.61 18.96
C TRP A 56 13.99 -35.70 19.82
N THR A 57 13.27 -36.61 19.18
CA THR A 57 12.67 -37.73 19.91
C THR A 57 13.67 -38.88 20.00
N LYS A 58 14.67 -38.84 19.14
CA LYS A 58 15.69 -39.89 19.10
C LYS A 58 16.88 -39.55 19.98
N ASP A 59 17.62 -40.57 20.39
CA ASP A 59 18.77 -40.38 21.26
C ASP A 59 20.05 -40.20 20.43
N TYR A 60 20.44 -41.26 19.73
CA TYR A 60 21.60 -41.25 18.84
C TYR A 60 22.88 -40.81 19.55
N SER A 61 23.09 -41.31 20.76
CA SER A 61 24.27 -40.95 21.55
C SER A 61 25.56 -41.33 20.85
N LEU A 62 25.53 -42.42 20.09
CA LEU A 62 26.70 -42.86 19.35
C LEU A 62 27.09 -41.87 18.26
N PHE A 63 26.10 -41.20 17.69
CA PHE A 63 26.35 -40.20 16.66
C PHE A 63 27.09 -38.96 17.19
N TRP A 64 26.60 -38.42 18.30
CA TRP A 64 27.19 -37.21 18.88
C TRP A 64 28.65 -37.41 19.25
N LYS A 65 29.00 -38.64 19.64
CA LYS A 65 30.38 -38.96 19.96
C LYS A 65 31.23 -39.00 18.68
N GLU A 66 30.68 -39.62 17.65
CA GLU A 66 31.36 -39.70 16.36
C GLU A 66 31.54 -38.30 15.78
N LEU A 67 30.53 -37.47 15.98
CA LEU A 67 30.54 -36.09 15.50
C LEU A 67 31.66 -35.28 16.14
N ALA A 68 31.67 -35.26 17.47
CA ALA A 68 32.61 -34.43 18.21
C ALA A 68 34.05 -34.89 18.06
N THR A 69 34.25 -36.20 17.99
CA THR A 69 35.60 -36.76 18.03
C THR A 69 36.23 -36.99 16.66
N LYS A 70 35.41 -37.17 15.63
CA LYS A 70 35.95 -37.43 14.29
C LYS A 70 35.42 -36.53 13.18
N HIS A 71 34.10 -36.35 13.12
CA HIS A 71 33.48 -35.52 12.09
C HIS A 71 33.95 -34.07 12.11
N VAL A 72 33.83 -33.42 13.26
CA VAL A 72 34.19 -32.01 13.40
C VAL A 72 35.65 -31.71 13.04
N PRO A 73 36.62 -32.51 13.56
CA PRO A 73 37.99 -32.24 13.13
C PRO A 73 38.19 -32.42 11.62
N LYS A 74 37.58 -33.45 11.05
CA LYS A 74 37.72 -33.74 9.63
C LYS A 74 37.13 -32.60 8.80
N LEU A 75 35.93 -32.17 9.17
CA LEU A 75 35.24 -31.11 8.45
C LEU A 75 35.93 -29.76 8.60
N ASN A 76 36.36 -29.42 9.82
CA ASN A 76 37.06 -28.17 10.05
C ASN A 76 38.36 -28.08 9.25
N LYS A 77 39.10 -29.18 9.22
CA LYS A 77 40.39 -29.23 8.54
C LYS A 77 40.27 -28.87 7.07
N GLN A 78 39.15 -29.21 6.45
CA GLN A 78 38.92 -28.90 5.04
C GLN A 78 38.23 -27.56 4.89
N GLY A 79 37.89 -26.93 6.00
CA GLY A 79 37.33 -25.59 5.98
C GLY A 79 35.82 -25.55 6.16
N THR A 80 35.23 -26.69 6.54
CA THR A 80 33.80 -26.78 6.70
C THR A 80 33.38 -26.55 8.15
N ARG A 81 32.40 -25.67 8.35
CA ARG A 81 31.87 -25.40 9.68
C ARG A 81 30.69 -26.32 10.01
N VAL A 82 30.58 -26.67 11.28
CA VAL A 82 29.49 -27.54 11.73
C VAL A 82 28.54 -26.75 12.62
N ILE A 83 27.30 -26.62 12.19
CA ILE A 83 26.33 -25.79 12.90
C ILE A 83 25.20 -26.61 13.50
N ARG A 84 24.89 -26.35 14.76
CA ARG A 84 23.81 -27.02 15.45
C ARG A 84 22.49 -26.31 15.22
N THR A 85 21.53 -27.00 14.62
CA THR A 85 20.21 -26.45 14.39
C THR A 85 19.25 -26.81 15.52
N ILE A 86 18.72 -25.79 16.19
CA ILE A 86 17.74 -26.01 17.25
C ILE A 86 16.43 -25.29 16.94
N PRO A 87 15.31 -25.88 17.40
CA PRO A 87 13.98 -25.30 17.21
C PRO A 87 13.80 -23.94 17.90
N TRP A 88 12.96 -23.11 17.33
CA TRP A 88 12.60 -21.80 17.87
C TRP A 88 12.14 -21.92 19.33
N ARG A 89 11.33 -22.94 19.61
CA ARG A 89 10.74 -23.12 20.93
C ARG A 89 11.76 -23.39 22.04
N PHE A 90 13.00 -23.72 21.67
CA PHE A 90 14.05 -23.96 22.66
C PHE A 90 14.46 -22.68 23.38
N LEU A 91 13.97 -21.54 22.91
CA LEU A 91 14.34 -20.25 23.49
C LEU A 91 13.21 -19.65 24.30
N ALA A 92 12.13 -20.41 24.48
CA ALA A 92 10.93 -19.87 25.11
C ALA A 92 10.50 -20.65 26.35
N GLY A 93 10.23 -21.93 26.15
CA GLY A 93 9.64 -22.76 27.19
C GLY A 93 8.39 -23.42 26.64
N GLY A 94 7.71 -24.20 27.47
CA GLY A 94 6.50 -24.88 27.03
C GLY A 94 6.78 -26.22 26.41
N ASP A 95 5.87 -26.65 25.53
CA ASP A 95 5.94 -27.99 24.94
C ASP A 95 7.21 -28.23 24.13
N ASN A 96 7.86 -29.36 24.37
CA ASN A 96 9.04 -29.79 23.61
C ASN A 96 10.14 -28.73 23.53
N SER A 97 10.28 -27.93 24.58
CA SER A 97 11.21 -26.80 24.56
C SER A 97 12.62 -27.17 25.02
N GLY A 98 12.85 -28.45 25.27
CA GLY A 98 14.15 -28.92 25.70
C GLY A 98 14.56 -28.37 27.06
N ILE A 99 15.69 -27.71 27.10
CA ILE A 99 16.24 -27.13 28.34
C ILE A 99 15.25 -26.22 29.06
N ALA A 100 14.50 -25.43 28.29
CA ALA A 100 13.62 -24.41 28.86
C ALA A 100 12.41 -24.96 29.60
N GLU A 101 12.22 -26.28 29.54
CA GLU A 101 11.12 -26.93 30.25
C GLU A 101 11.27 -26.81 31.76
N ASP A 102 12.52 -26.72 32.22
CA ASP A 102 12.81 -26.58 33.63
C ASP A 102 12.70 -25.12 34.05
N THR A 103 11.50 -24.72 34.46
CA THR A 103 11.23 -23.33 34.82
C THR A 103 11.88 -22.94 36.15
N SER A 104 12.39 -23.93 36.87
CA SER A 104 13.03 -23.68 38.17
C SER A 104 14.31 -22.87 38.02
N LYS A 105 15.23 -23.34 37.17
CA LYS A 105 16.50 -22.67 36.98
C LYS A 105 16.40 -21.53 35.96
N TYR A 106 15.47 -21.66 35.02
CA TYR A 106 15.33 -20.66 33.97
C TYR A 106 13.94 -20.03 33.95
N PRO A 107 13.67 -19.11 34.88
CA PRO A 107 12.39 -18.42 34.90
C PRO A 107 12.36 -17.28 33.88
N ASN A 108 11.16 -16.83 33.53
CA ASN A 108 11.03 -15.74 32.57
C ASN A 108 11.43 -14.40 33.18
N THR A 109 12.71 -14.30 33.53
CA THR A 109 13.26 -13.08 34.12
C THR A 109 14.48 -12.66 33.29
N PRO A 110 14.93 -11.41 33.43
CA PRO A 110 16.16 -10.98 32.75
C PRO A 110 17.34 -11.88 33.06
N GLU A 111 17.55 -12.19 34.34
CA GLU A 111 18.62 -13.08 34.75
C GLU A 111 18.33 -14.53 34.40
N GLY A 112 17.04 -14.85 34.28
CA GLY A 112 16.63 -16.20 33.91
C GLY A 112 16.83 -16.45 32.42
N ASN A 113 16.53 -15.44 31.62
CA ASN A 113 16.74 -15.52 30.17
C ASN A 113 18.23 -15.54 29.86
N LYS A 114 18.98 -14.72 30.59
CA LYS A 114 20.42 -14.66 30.43
C LYS A 114 21.04 -16.02 30.77
N ALA A 115 20.43 -16.71 31.73
CA ALA A 115 20.91 -18.03 32.12
C ALA A 115 20.54 -19.08 31.09
N LEU A 116 19.37 -18.92 30.47
CA LEU A 116 18.91 -19.86 29.46
C LEU A 116 19.78 -19.77 28.22
N ALA A 117 20.16 -18.54 27.86
CA ALA A 117 21.02 -18.31 26.71
C ALA A 117 22.37 -18.98 26.89
N LYS A 118 22.94 -18.86 28.09
CA LYS A 118 24.20 -19.51 28.40
C LYS A 118 24.04 -21.03 28.32
N ALA A 119 23.01 -21.55 28.96
CA ALA A 119 22.73 -22.98 28.95
C ALA A 119 22.55 -23.51 27.53
N ILE A 120 21.87 -22.73 26.71
CA ILE A 120 21.65 -23.10 25.31
C ILE A 120 22.95 -23.26 24.52
N VAL A 121 23.81 -22.24 24.57
CA VAL A 121 25.09 -22.34 23.85
C VAL A 121 26.02 -23.36 24.50
N ASP A 122 25.90 -23.54 25.81
CA ASP A 122 26.67 -24.55 26.52
C ASP A 122 26.34 -25.94 26.03
N GLU A 123 25.04 -26.23 25.91
CA GLU A 123 24.57 -27.56 25.57
C GLU A 123 24.68 -27.89 24.09
N TYR A 124 24.32 -26.94 23.23
CA TYR A 124 24.21 -27.24 21.80
C TYR A 124 25.40 -26.79 20.96
N VAL A 125 26.21 -25.89 21.50
CA VAL A 125 27.37 -25.39 20.76
C VAL A 125 28.70 -25.87 21.33
N TYR A 126 28.97 -25.52 22.58
CA TYR A 126 30.27 -25.79 23.17
C TYR A 126 30.48 -27.25 23.60
N LYS A 127 29.39 -27.94 23.92
CA LYS A 127 29.47 -29.31 24.39
C LYS A 127 30.23 -30.21 23.43
N TYR A 128 29.99 -30.02 22.14
CA TYR A 128 30.68 -30.82 21.13
C TYR A 128 31.64 -29.95 20.30
N ASN A 129 31.94 -28.77 20.84
CA ASN A 129 32.84 -27.81 20.21
C ASN A 129 32.44 -27.50 18.76
N LEU A 130 31.19 -27.10 18.59
CA LEU A 130 30.66 -26.82 17.26
C LEU A 130 30.94 -25.39 16.83
N ASP A 131 30.67 -25.12 15.56
CA ASP A 131 31.08 -23.85 14.96
C ASP A 131 30.01 -22.78 14.98
N GLY A 132 28.83 -23.12 15.51
CA GLY A 132 27.76 -22.14 15.60
C GLY A 132 26.39 -22.72 15.85
N LEU A 133 25.43 -21.82 16.10
CA LEU A 133 24.06 -22.21 16.39
C LEU A 133 23.11 -21.71 15.32
N ASP A 134 22.22 -22.59 14.87
CA ASP A 134 21.21 -22.24 13.88
C ASP A 134 19.81 -22.36 14.47
N VAL A 135 19.10 -21.25 14.54
CA VAL A 135 17.74 -21.24 15.10
C VAL A 135 16.70 -21.36 14.00
N ASP A 136 15.90 -22.43 14.04
CA ASP A 136 14.84 -22.64 13.07
C ASP A 136 13.57 -21.90 13.50
N VAL A 137 13.21 -20.87 12.75
CA VAL A 137 12.03 -20.06 13.07
C VAL A 137 10.94 -20.25 12.01
N GLU A 138 9.96 -21.08 12.33
CA GLU A 138 8.83 -21.34 11.44
C GLU A 138 7.63 -21.81 12.22
N HIS A 139 6.56 -22.18 11.52
CA HIS A 139 5.32 -22.60 12.15
C HIS A 139 5.49 -23.86 12.99
N ASP A 140 6.23 -24.82 12.45
CA ASP A 140 6.42 -26.11 13.13
C ASP A 140 7.26 -26.00 14.41
N SER A 141 8.02 -24.92 14.53
CA SER A 141 8.90 -24.75 15.67
C SER A 141 8.42 -23.65 16.62
N ILE A 142 7.23 -23.13 16.36
CA ILE A 142 6.68 -22.03 17.15
C ILE A 142 6.45 -22.46 18.61
N PRO A 143 6.74 -21.55 19.56
CA PRO A 143 6.48 -21.80 20.98
C PRO A 143 5.00 -22.12 21.24
N LYS A 144 4.75 -23.18 22.00
CA LYS A 144 3.40 -23.60 22.30
C LYS A 144 3.22 -23.97 23.77
N VAL A 145 1.98 -23.84 24.25
CA VAL A 145 1.60 -24.31 25.58
C VAL A 145 0.35 -25.16 25.46
N ASP A 146 0.49 -26.47 25.68
CA ASP A 146 -0.61 -27.42 25.48
C ASP A 146 -1.15 -27.32 24.06
N LYS A 147 -0.24 -27.39 23.09
CA LYS A 147 -0.54 -27.34 21.66
C LYS A 147 -1.07 -25.98 21.16
N LYS A 148 -1.25 -25.03 22.07
CA LYS A 148 -1.70 -23.69 21.71
C LYS A 148 -0.52 -22.73 21.57
N GLU A 149 -0.50 -21.98 20.47
CA GLU A 149 0.55 -20.98 20.27
C GLU A 149 0.57 -19.99 21.43
N ASP A 150 1.76 -19.69 21.92
CA ASP A 150 1.89 -18.83 23.09
C ASP A 150 2.61 -17.53 22.76
N THR A 151 1.88 -16.41 22.89
CA THR A 151 2.46 -15.10 22.62
C THR A 151 3.55 -14.75 23.63
N ALA A 152 3.33 -15.12 24.89
CA ALA A 152 4.31 -14.85 25.93
C ALA A 152 5.61 -15.59 25.66
N GLY A 153 5.50 -16.78 25.07
CA GLY A 153 6.67 -17.57 24.70
C GLY A 153 7.41 -16.95 23.53
N VAL A 154 6.66 -16.54 22.52
CA VAL A 154 7.23 -15.89 21.35
C VAL A 154 7.94 -14.59 21.74
N GLU A 155 7.30 -13.83 22.62
CA GLU A 155 7.88 -12.57 23.08
C GLU A 155 9.14 -12.80 23.91
N ARG A 156 9.16 -13.88 24.68
CA ARG A 156 10.32 -14.22 25.48
C ARG A 156 11.46 -14.71 24.58
N SER A 157 11.10 -15.38 23.49
CA SER A 157 12.08 -15.90 22.55
C SER A 157 12.77 -14.77 21.77
N ILE A 158 12.18 -13.58 21.78
CA ILE A 158 12.83 -12.41 21.20
C ILE A 158 13.98 -12.00 22.10
N GLN A 159 13.73 -12.00 23.40
CA GLN A 159 14.82 -11.96 24.37
C GLN A 159 15.45 -13.34 24.30
N VAL A 160 16.42 -13.64 25.17
CA VAL A 160 17.19 -14.89 25.06
C VAL A 160 17.97 -14.91 23.74
N PHE A 161 17.27 -14.76 22.62
CA PHE A 161 17.89 -14.60 21.31
C PHE A 161 18.89 -13.45 21.36
N GLU A 162 18.46 -12.33 21.93
CA GLU A 162 19.34 -11.19 22.14
C GLU A 162 20.48 -11.59 23.09
N GLU A 163 20.14 -12.37 24.11
CA GLU A 163 21.12 -12.80 25.10
C GLU A 163 22.11 -13.80 24.50
N ILE A 164 21.63 -14.66 23.62
CA ILE A 164 22.50 -15.60 22.91
C ILE A 164 23.45 -14.81 22.02
N GLY A 165 22.91 -13.79 21.36
CA GLY A 165 23.69 -12.94 20.47
C GLY A 165 24.79 -12.19 21.19
N LYS A 166 24.66 -12.05 22.51
CA LYS A 166 25.70 -11.40 23.30
C LYS A 166 26.84 -12.36 23.61
N LEU A 167 26.58 -13.65 23.42
CA LEU A 167 27.59 -14.68 23.65
C LEU A 167 28.28 -15.09 22.35
N ILE A 168 27.47 -15.36 21.32
CA ILE A 168 27.99 -15.75 20.01
C ILE A 168 27.48 -14.82 18.91
N GLY A 169 28.10 -14.90 17.75
CA GLY A 169 27.73 -14.04 16.64
C GLY A 169 28.62 -12.81 16.56
N PRO A 170 28.36 -11.95 15.57
CA PRO A 170 29.19 -10.75 15.31
C PRO A 170 29.14 -9.72 16.45
N LYS A 171 28.16 -9.82 17.34
CA LYS A 171 28.08 -8.90 18.48
C LYS A 171 28.29 -9.64 19.79
N GLY A 172 28.79 -10.87 19.71
CA GLY A 172 28.97 -11.69 20.89
C GLY A 172 30.38 -11.72 21.41
N VAL A 173 30.54 -12.32 22.58
CA VAL A 173 31.85 -12.49 23.20
C VAL A 173 32.73 -13.41 22.36
N ASP A 174 32.15 -14.51 21.92
CA ASP A 174 32.86 -15.45 21.05
C ASP A 174 32.38 -15.27 19.62
N LYS A 175 33.10 -14.48 18.85
CA LYS A 175 32.71 -14.21 17.47
C LYS A 175 33.08 -15.35 16.53
N SER A 176 33.88 -16.29 17.02
CA SER A 176 34.27 -17.44 16.22
C SER A 176 33.11 -18.41 16.03
N ARG A 177 32.10 -18.30 16.88
CA ARG A 177 30.89 -19.11 16.74
C ARG A 177 29.84 -18.32 15.95
N LEU A 178 29.30 -18.93 14.91
CA LEU A 178 28.28 -18.28 14.10
C LEU A 178 26.93 -18.29 14.78
N PHE A 179 26.16 -17.23 14.57
CA PHE A 179 24.77 -17.20 15.02
C PHE A 179 23.90 -17.05 13.77
N ILE A 180 23.07 -18.05 13.51
CA ILE A 180 22.32 -18.11 12.26
C ILE A 180 20.84 -18.30 12.51
N MET A 181 20.01 -17.56 11.77
CA MET A 181 18.58 -17.78 11.78
C MET A 181 18.13 -18.30 10.43
N ASP A 182 17.44 -19.44 10.42
CA ASP A 182 16.78 -19.91 9.22
C ASP A 182 15.27 -19.84 9.42
N SER A 183 14.56 -19.34 8.41
CA SER A 183 13.12 -19.13 8.56
C SER A 183 12.33 -19.37 7.28
N THR A 184 11.02 -19.55 7.44
CA THR A 184 10.11 -19.69 6.32
C THR A 184 9.30 -18.41 6.17
N TYR A 185 9.29 -17.61 7.24
CA TYR A 185 8.47 -16.42 7.28
C TYR A 185 8.99 -15.30 6.39
N MET A 186 8.13 -14.35 6.09
CA MET A 186 8.54 -13.09 5.51
C MET A 186 8.99 -12.21 6.67
N ALA A 187 9.70 -11.13 6.36
CA ALA A 187 10.22 -10.24 7.39
C ALA A 187 9.12 -9.65 8.27
N ASP A 188 8.03 -9.22 7.65
CA ASP A 188 6.93 -8.60 8.38
C ASP A 188 6.07 -9.64 9.11
N LYS A 189 6.37 -10.91 8.88
CA LYS A 189 5.69 -12.00 9.57
C LYS A 189 6.66 -12.70 10.52
N ASN A 190 7.89 -12.21 10.58
CA ASN A 190 8.92 -12.76 11.46
C ASN A 190 9.13 -11.86 12.68
N PRO A 191 8.63 -12.29 13.84
CA PRO A 191 8.68 -11.48 15.07
C PRO A 191 10.07 -11.41 15.68
N LEU A 192 11.02 -12.17 15.12
CA LEU A 192 12.37 -12.21 15.66
C LEU A 192 13.39 -11.42 14.85
N ILE A 193 13.06 -11.09 13.61
CA ILE A 193 14.03 -10.48 12.71
C ILE A 193 14.46 -9.07 13.12
N GLU A 194 13.53 -8.28 13.65
CA GLU A 194 13.82 -6.88 13.93
C GLU A 194 14.87 -6.70 15.01
N ARG A 195 14.75 -7.47 16.09
CA ARG A 195 15.69 -7.36 17.19
C ARG A 195 16.78 -8.43 17.13
N GLY A 196 16.59 -9.41 16.24
CA GLY A 196 17.54 -10.50 16.10
C GLY A 196 18.61 -10.26 15.06
N ALA A 197 18.24 -9.57 13.99
CA ALA A 197 19.14 -9.31 12.86
C ALA A 197 20.54 -8.76 13.21
N PRO A 198 20.64 -7.82 14.17
CA PRO A 198 21.98 -7.34 14.48
C PRO A 198 22.89 -8.40 15.10
N TYR A 199 22.33 -9.51 15.56
CA TYR A 199 23.10 -10.54 16.27
C TYR A 199 23.47 -11.75 15.41
N ILE A 200 22.93 -11.85 14.21
CA ILE A 200 23.19 -13.01 13.36
C ILE A 200 24.23 -12.76 12.27
N ASN A 201 24.93 -13.82 11.88
CA ASN A 201 25.90 -13.75 10.80
C ASN A 201 25.22 -13.93 9.46
N LEU A 202 24.26 -14.86 9.44
CA LEU A 202 23.59 -15.22 8.21
C LEU A 202 22.10 -15.42 8.45
N LEU A 203 21.30 -15.07 7.45
CA LEU A 203 19.88 -15.37 7.47
C LEU A 203 19.57 -16.32 6.32
N LEU A 204 19.01 -17.48 6.65
CA LEU A 204 18.68 -18.48 5.64
C LEU A 204 17.18 -18.53 5.40
N VAL A 205 16.77 -18.25 4.16
CA VAL A 205 15.36 -18.34 3.81
C VAL A 205 15.04 -19.64 3.07
N GLN A 206 14.02 -20.34 3.55
CA GLN A 206 13.60 -21.59 2.91
C GLN A 206 12.62 -21.25 1.79
N VAL A 207 13.06 -21.48 0.55
CA VAL A 207 12.23 -21.19 -0.62
C VAL A 207 12.07 -22.43 -1.49
N TYR A 208 11.64 -23.53 -0.88
CA TYR A 208 11.51 -24.80 -1.56
C TYR A 208 10.37 -24.77 -2.59
N GLY A 209 10.61 -25.40 -3.74
CA GLY A 209 9.56 -25.55 -4.75
C GLY A 209 9.31 -24.33 -5.60
N SER A 210 8.41 -24.48 -6.57
CA SER A 210 8.09 -23.40 -7.50
C SER A 210 7.39 -22.24 -6.80
N GLN A 211 6.72 -22.55 -5.69
CA GLN A 211 6.02 -21.53 -4.91
C GLN A 211 7.02 -20.63 -4.19
N GLY A 212 8.20 -21.17 -3.90
CA GLY A 212 9.25 -20.37 -3.30
C GLY A 212 9.93 -19.51 -4.35
N GLU A 213 10.07 -20.08 -5.54
CA GLU A 213 10.73 -19.40 -6.65
C GLU A 213 9.86 -18.29 -7.23
N LYS A 214 8.78 -18.68 -7.92
CA LYS A 214 7.90 -17.74 -8.61
C LYS A 214 7.09 -16.91 -7.62
N GLY A 215 6.98 -17.41 -6.40
CA GLY A 215 6.05 -16.83 -5.44
C GLY A 215 4.72 -17.54 -5.61
N GLY A 216 3.73 -17.14 -4.84
CA GLY A 216 2.40 -17.71 -4.98
C GLY A 216 1.54 -16.83 -5.85
N TRP A 217 0.68 -17.44 -6.66
CA TRP A 217 -0.28 -16.68 -7.44
C TRP A 217 -1.51 -16.36 -6.59
N GLU A 218 -1.66 -15.09 -6.25
CA GLU A 218 -2.80 -14.65 -5.44
C GLU A 218 -4.04 -14.56 -6.32
N PRO A 219 -5.08 -15.34 -5.98
CA PRO A 219 -6.32 -15.46 -6.76
C PRO A 219 -7.04 -14.13 -6.98
N VAL A 220 -7.24 -13.38 -5.89
CA VAL A 220 -8.01 -12.14 -5.93
C VAL A 220 -7.37 -11.07 -6.82
N SER A 221 -6.05 -10.98 -6.78
CA SER A 221 -5.33 -9.88 -7.43
C SER A 221 -4.86 -10.18 -8.85
N ASN A 222 -4.86 -11.45 -9.24
CA ASN A 222 -4.30 -11.88 -10.52
C ASN A 222 -2.86 -11.40 -10.65
N ARG A 223 -2.03 -11.79 -9.68
CA ARG A 223 -0.68 -11.26 -9.56
C ARG A 223 0.11 -12.13 -8.59
N PRO A 224 1.40 -12.36 -8.90
CA PRO A 224 2.27 -13.16 -8.01
C PRO A 224 2.50 -12.48 -6.67
N GLU A 225 2.31 -13.22 -5.58
CA GLU A 225 2.59 -12.70 -4.25
C GLU A 225 3.75 -13.46 -3.63
N LYS A 226 4.37 -12.86 -2.62
CA LYS A 226 5.46 -13.50 -1.87
C LYS A 226 6.58 -14.00 -2.78
N THR A 227 6.97 -13.18 -3.75
CA THR A 227 8.00 -13.58 -4.71
C THR A 227 9.39 -13.59 -4.08
N MET A 228 10.34 -14.15 -4.81
CA MET A 228 11.72 -14.26 -4.34
C MET A 228 12.30 -12.87 -4.08
N GLU A 229 11.97 -11.92 -4.95
CA GLU A 229 12.47 -10.56 -4.85
C GLU A 229 11.79 -9.80 -3.71
N GLU A 230 10.50 -10.04 -3.54
CA GLU A 230 9.75 -9.42 -2.45
C GLU A 230 10.25 -9.91 -1.11
N ARG A 231 10.57 -11.20 -1.02
CA ARG A 231 11.07 -11.78 0.21
C ARG A 231 12.39 -11.13 0.62
N TRP A 232 13.31 -11.01 -0.34
CA TRP A 232 14.57 -10.33 -0.10
C TRP A 232 14.38 -8.87 0.27
N GLN A 233 13.50 -8.18 -0.45
CA GLN A 233 13.24 -6.77 -0.18
C GLN A 233 12.74 -6.55 1.23
N GLY A 234 11.95 -7.50 1.73
CA GLY A 234 11.47 -7.44 3.09
C GLY A 234 12.60 -7.54 4.09
N TYR A 235 13.53 -8.46 3.85
CA TYR A 235 14.67 -8.65 4.75
C TYR A 235 15.80 -7.66 4.50
N SER A 236 15.74 -6.95 3.38
CA SER A 236 16.78 -5.97 3.05
C SER A 236 16.82 -4.84 4.07
N LYS A 237 15.74 -4.70 4.82
CA LYS A 237 15.66 -3.68 5.87
C LYS A 237 16.49 -4.08 7.08
N TYR A 238 16.69 -5.39 7.26
CA TYR A 238 17.28 -5.89 8.49
C TYR A 238 18.71 -6.44 8.35
N ILE A 239 19.03 -6.96 7.16
CA ILE A 239 20.35 -7.57 6.95
C ILE A 239 21.02 -7.08 5.67
N ARG A 240 22.30 -7.39 5.56
CA ARG A 240 23.07 -7.09 4.35
C ARG A 240 22.90 -8.23 3.34
N PRO A 241 23.01 -7.91 2.04
CA PRO A 241 22.85 -8.91 0.97
C PRO A 241 23.79 -10.11 1.15
N GLU A 242 24.99 -9.86 1.65
CA GLU A 242 25.98 -10.91 1.84
C GLU A 242 25.60 -11.88 2.97
N GLN A 243 24.56 -11.53 3.73
CA GLN A 243 24.09 -12.36 4.83
C GLN A 243 22.90 -13.21 4.40
N TYR A 244 22.43 -12.99 3.19
CA TYR A 244 21.23 -13.64 2.68
C TYR A 244 21.55 -14.94 1.94
N MET A 245 20.96 -16.05 2.39
CA MET A 245 21.12 -17.33 1.72
C MET A 245 19.76 -17.97 1.43
N ILE A 246 19.57 -18.41 0.19
CA ILE A 246 18.31 -19.03 -0.24
C ILE A 246 18.47 -20.54 -0.29
N GLY A 247 17.37 -21.26 -0.11
CA GLY A 247 17.45 -22.71 0.02
C GLY A 247 16.49 -23.54 -0.81
N PHE A 248 17.00 -24.64 -1.36
CA PHE A 248 16.18 -25.62 -2.04
C PHE A 248 16.23 -26.94 -1.25
N SER A 249 15.46 -27.92 -1.70
CA SER A 249 15.40 -29.20 -1.00
C SER A 249 15.64 -30.38 -1.93
N PHE A 250 16.46 -31.32 -1.48
CA PHE A 250 16.61 -32.58 -2.18
C PHE A 250 15.38 -33.43 -1.91
N TYR A 251 15.26 -34.55 -2.63
CA TYR A 251 14.12 -35.43 -2.45
C TYR A 251 14.28 -36.32 -1.22
N GLU A 252 13.42 -36.11 -0.22
CA GLU A 252 13.41 -36.95 0.97
C GLU A 252 12.68 -38.26 0.67
N GLU A 253 13.17 -39.35 1.25
CA GLU A 253 12.57 -40.66 1.00
C GLU A 253 11.15 -40.75 1.54
N ASN A 254 10.27 -41.38 0.76
CA ASN A 254 8.87 -41.57 1.12
C ASN A 254 8.15 -40.25 1.38
N ALA A 255 8.56 -39.20 0.68
CA ALA A 255 7.99 -37.88 0.86
C ALA A 255 6.50 -37.86 0.53
N GLN A 256 5.73 -37.11 1.33
CA GLN A 256 4.30 -37.01 1.14
C GLN A 256 3.91 -35.68 0.50
N GLU A 257 2.63 -35.53 0.20
CA GLU A 257 2.10 -34.27 -0.33
C GLU A 257 2.29 -33.16 0.69
N GLY A 258 2.79 -32.02 0.22
CA GLY A 258 3.14 -30.93 1.11
C GLY A 258 4.64 -30.89 1.34
N ASN A 259 5.32 -31.95 0.90
CA ASN A 259 6.78 -32.02 1.02
C ASN A 259 7.41 -32.44 -0.29
N LEU A 260 6.69 -32.21 -1.39
CA LEU A 260 7.22 -32.47 -2.72
C LEU A 260 7.51 -31.14 -3.42
N TRP A 261 8.80 -30.88 -3.67
CA TRP A 261 9.24 -29.58 -4.15
C TRP A 261 9.80 -29.63 -5.56
N TYR A 262 10.38 -30.77 -5.92
CA TYR A 262 10.95 -30.99 -7.24
C TYR A 262 12.05 -29.97 -7.56
N ASP A 263 12.89 -29.68 -6.57
CA ASP A 263 13.96 -28.71 -6.74
C ASP A 263 15.14 -29.28 -7.51
N ILE A 264 15.15 -30.60 -7.66
CA ILE A 264 16.16 -31.26 -8.50
C ILE A 264 15.47 -32.14 -9.55
N ASN A 265 16.27 -32.64 -10.49
CA ASN A 265 15.72 -33.43 -11.60
C ASN A 265 15.04 -34.72 -11.15
N SER A 266 13.82 -34.92 -11.62
CA SER A 266 13.05 -36.12 -11.29
C SER A 266 13.58 -37.35 -12.03
N ARG A 267 13.06 -38.51 -11.66
CA ARG A 267 13.40 -39.76 -12.32
C ARG A 267 12.60 -39.88 -13.62
N LYS A 268 13.23 -40.43 -14.66
CA LYS A 268 12.56 -40.64 -15.93
C LYS A 268 11.41 -41.63 -15.76
N ASP A 269 10.28 -41.37 -16.41
CA ASP A 269 9.08 -42.19 -16.27
C ASP A 269 9.21 -43.58 -16.88
N GLU A 270 10.40 -43.91 -17.38
CA GLU A 270 10.66 -45.21 -17.96
C GLU A 270 11.85 -45.89 -17.29
N ASP A 271 12.78 -45.08 -16.78
CA ASP A 271 13.96 -45.60 -16.10
C ASP A 271 13.58 -46.02 -14.67
N LYS A 272 12.93 -47.17 -14.55
CA LYS A 272 12.38 -47.62 -13.28
C LYS A 272 13.44 -48.14 -12.30
N ALA A 273 14.55 -48.63 -12.84
CA ALA A 273 15.57 -49.27 -12.01
C ALA A 273 16.58 -48.28 -11.45
N ASN A 274 16.50 -47.03 -11.90
CA ASN A 274 17.47 -46.01 -11.51
C ASN A 274 16.86 -44.97 -10.57
N GLY A 275 17.57 -44.67 -9.48
CA GLY A 275 17.13 -43.66 -8.54
C GLY A 275 18.11 -42.51 -8.42
N ILE A 276 19.13 -42.53 -9.27
CA ILE A 276 20.19 -41.53 -9.23
C ILE A 276 20.08 -40.54 -10.39
N ASN A 277 20.15 -39.25 -10.08
CA ASN A 277 20.20 -38.21 -11.09
C ASN A 277 21.02 -37.02 -10.61
N THR A 278 22.32 -37.07 -10.85
CA THR A 278 23.23 -36.05 -10.36
C THR A 278 23.35 -34.88 -11.34
N ASP A 279 22.44 -34.81 -12.29
CA ASP A 279 22.45 -33.74 -13.29
C ASP A 279 21.83 -32.46 -12.73
N ILE A 280 22.52 -31.34 -12.90
CA ILE A 280 22.07 -30.07 -12.35
C ILE A 280 21.30 -29.27 -13.39
N THR A 281 21.42 -29.69 -14.64
CA THR A 281 20.81 -28.98 -15.76
C THR A 281 19.29 -28.88 -15.62
N GLY A 282 18.80 -27.65 -15.56
CA GLY A 282 17.37 -27.40 -15.55
C GLY A 282 16.75 -27.35 -14.16
N THR A 283 17.55 -27.66 -13.14
CA THR A 283 17.04 -27.71 -11.79
C THR A 283 16.79 -26.32 -11.20
N ARG A 284 15.92 -26.26 -10.20
CA ARG A 284 15.65 -25.02 -9.50
C ARG A 284 16.87 -24.65 -8.66
N ALA A 285 17.63 -25.67 -8.28
CA ALA A 285 18.84 -25.47 -7.49
C ALA A 285 19.89 -24.73 -8.31
N GLU A 286 20.00 -25.09 -9.58
CA GLU A 286 20.98 -24.45 -10.45
C GLU A 286 20.60 -23.00 -10.70
N ARG A 287 19.30 -22.74 -10.75
CA ARG A 287 18.81 -21.38 -10.92
C ARG A 287 19.02 -20.55 -9.65
N TYR A 288 18.88 -21.21 -8.49
CA TYR A 288 19.10 -20.55 -7.22
C TYR A 288 20.57 -20.17 -7.03
N ALA A 289 21.46 -21.01 -7.54
CA ALA A 289 22.90 -20.74 -7.46
C ALA A 289 23.27 -19.46 -8.22
N ARG A 290 22.60 -19.21 -9.33
CA ARG A 290 22.92 -18.08 -10.19
C ARG A 290 22.07 -16.85 -9.87
N TRP A 291 21.07 -17.01 -9.02
CA TRP A 291 20.17 -15.91 -8.71
C TRP A 291 20.82 -14.83 -7.85
N GLN A 292 20.62 -13.59 -8.26
CA GLN A 292 21.05 -12.44 -7.48
C GLN A 292 19.89 -11.46 -7.37
N PRO A 293 19.78 -10.79 -6.22
CA PRO A 293 18.77 -9.75 -6.02
C PRO A 293 18.96 -8.63 -7.04
N LYS A 294 17.89 -7.92 -7.37
CA LYS A 294 18.00 -6.83 -8.33
C LYS A 294 18.48 -5.55 -7.67
N THR A 295 18.17 -5.39 -6.39
CA THR A 295 18.62 -4.25 -5.62
C THR A 295 19.39 -4.67 -4.38
N GLY A 296 20.27 -3.80 -3.90
CA GLY A 296 21.01 -4.05 -2.68
C GLY A 296 22.41 -4.60 -2.90
N GLY A 297 22.49 -5.86 -3.31
CA GLY A 297 23.78 -6.47 -3.56
C GLY A 297 23.70 -7.97 -3.78
N VAL A 298 24.84 -8.61 -3.94
CA VAL A 298 24.89 -10.05 -4.20
C VAL A 298 24.70 -10.86 -2.92
N LYS A 299 24.02 -12.00 -3.06
CA LYS A 299 23.63 -12.81 -1.90
C LYS A 299 24.80 -13.59 -1.31
N GLY A 300 24.61 -14.05 -0.08
CA GLY A 300 25.62 -14.83 0.61
C GLY A 300 25.87 -16.19 -0.02
N GLY A 301 24.82 -16.76 -0.60
CA GLY A 301 24.92 -18.05 -1.26
C GLY A 301 23.64 -18.85 -1.21
N ILE A 302 23.76 -20.16 -1.33
CA ILE A 302 22.60 -21.05 -1.26
C ILE A 302 22.81 -22.19 -0.27
N PHE A 303 21.72 -22.85 0.09
CA PHE A 303 21.81 -24.06 0.92
C PHE A 303 20.81 -25.11 0.48
N SER A 304 21.07 -26.36 0.86
CA SER A 304 20.17 -27.46 0.54
C SER A 304 19.69 -28.15 1.81
N TYR A 305 18.44 -28.61 1.78
CA TYR A 305 17.92 -29.44 2.86
C TYR A 305 18.06 -30.90 2.47
N ALA A 306 18.28 -31.76 3.47
CA ALA A 306 18.49 -33.19 3.27
C ALA A 306 19.65 -33.47 2.32
N ILE A 307 20.82 -32.94 2.66
CA ILE A 307 22.00 -33.07 1.81
C ILE A 307 22.50 -34.52 1.78
N ASP A 308 21.96 -35.36 2.65
CA ASP A 308 22.26 -36.78 2.62
C ASP A 308 21.64 -37.44 1.39
N ARG A 309 20.67 -36.75 0.78
CA ARG A 309 19.99 -37.25 -0.40
C ARG A 309 20.55 -36.62 -1.68
N ASP A 310 21.80 -36.15 -1.60
CA ASP A 310 22.47 -35.54 -2.73
C ASP A 310 22.74 -36.59 -3.82
N GLY A 311 22.22 -36.34 -5.01
CA GLY A 311 22.44 -37.23 -6.14
C GLY A 311 21.24 -38.13 -6.39
N VAL A 312 20.31 -38.16 -5.44
CA VAL A 312 19.12 -38.98 -5.56
C VAL A 312 18.06 -38.26 -6.40
N ALA A 313 17.59 -38.93 -7.46
CA ALA A 313 16.55 -38.39 -8.31
C ALA A 313 15.25 -38.18 -7.54
N HIS A 314 14.41 -37.29 -8.04
CA HIS A 314 13.12 -37.02 -7.42
C HIS A 314 12.07 -37.97 -7.97
N GLN A 315 11.15 -38.40 -7.11
CA GLN A 315 10.03 -39.23 -7.55
C GLN A 315 9.14 -38.43 -8.50
N PRO A 316 8.87 -39.00 -9.69
CA PRO A 316 8.05 -38.37 -10.72
C PRO A 316 6.72 -37.85 -10.18
N LYS A 317 6.27 -36.72 -10.70
CA LYS A 317 5.06 -36.07 -10.23
C LYS A 317 3.83 -36.94 -10.43
N LYS A 318 3.90 -37.85 -11.38
CA LYS A 318 2.77 -38.71 -11.73
C LYS A 318 2.40 -39.66 -10.58
N TYR A 319 3.33 -39.87 -9.65
CA TYR A 319 3.11 -40.80 -8.55
C TYR A 319 3.01 -40.08 -7.22
N ALA A 320 2.20 -39.03 -7.17
CA ALA A 320 2.07 -38.24 -5.95
C ALA A 320 1.08 -38.85 -4.94
N LYS A 321 0.54 -40.01 -5.27
CA LYS A 321 -0.40 -40.69 -4.39
C LYS A 321 0.14 -42.06 -3.95
N ASP A 327 8.71 -46.90 -4.74
CA ASP A 327 9.47 -46.32 -5.85
C ASP A 327 10.97 -46.58 -5.66
N ALA A 328 11.73 -46.44 -6.75
CA ALA A 328 13.17 -46.68 -6.73
C ALA A 328 13.91 -45.52 -6.06
N THR A 329 13.37 -44.31 -6.19
CA THR A 329 13.99 -43.13 -5.60
C THR A 329 13.83 -43.12 -4.09
N ASP A 330 12.91 -43.94 -3.58
CA ASP A 330 12.64 -43.99 -2.15
C ASP A 330 13.63 -44.86 -1.40
N ASN A 331 14.55 -45.49 -2.12
CA ASN A 331 15.62 -46.25 -1.49
C ASN A 331 16.70 -45.33 -0.94
N ILE A 332 17.53 -45.85 -0.04
CA ILE A 332 18.61 -45.06 0.55
C ILE A 332 19.91 -45.25 -0.24
N PHE A 333 20.51 -44.13 -0.64
CA PHE A 333 21.71 -44.16 -1.47
C PHE A 333 22.93 -43.57 -0.76
N HIS A 334 24.10 -44.08 -1.11
CA HIS A 334 25.35 -43.56 -0.59
C HIS A 334 25.82 -42.40 -1.45
N SER A 335 25.61 -41.19 -0.97
CA SER A 335 25.90 -39.99 -1.75
C SER A 335 27.39 -39.67 -1.83
N ASP A 336 27.81 -39.20 -3.00
CA ASP A 336 29.16 -38.69 -3.18
C ASP A 336 29.10 -37.17 -3.27
N TYR A 337 27.89 -36.63 -3.14
CA TYR A 337 27.65 -35.19 -3.11
C TYR A 337 28.07 -34.47 -4.38
N SER A 338 27.73 -35.06 -5.53
CA SER A 338 28.05 -34.48 -6.83
C SER A 338 27.31 -33.16 -7.03
N VAL A 339 26.04 -33.14 -6.63
CA VAL A 339 25.19 -31.97 -6.83
C VAL A 339 25.71 -30.78 -6.03
N SER A 340 26.06 -31.02 -4.78
CA SER A 340 26.57 -29.97 -3.91
C SER A 340 27.86 -29.36 -4.46
N LYS A 341 28.76 -30.23 -4.91
CA LYS A 341 30.02 -29.78 -5.49
C LYS A 341 29.79 -29.00 -6.79
N ALA A 342 28.80 -29.42 -7.56
CA ALA A 342 28.50 -28.78 -8.84
C ALA A 342 27.93 -27.38 -8.64
N LEU A 343 27.03 -27.24 -7.67
CA LEU A 343 26.41 -25.95 -7.38
C LEU A 343 27.41 -24.94 -6.86
N LYS A 344 28.31 -25.39 -5.98
CA LYS A 344 29.34 -24.52 -5.45
C LYS A 344 30.27 -24.05 -6.58
N THR A 345 30.45 -24.91 -7.57
CA THR A 345 31.28 -24.59 -8.72
C THR A 345 30.63 -23.50 -9.57
N VAL A 346 29.30 -23.57 -9.69
CA VAL A 346 28.56 -22.57 -10.46
C VAL A 346 28.67 -21.20 -9.79
N MET A 347 28.53 -21.16 -8.47
CA MET A 347 28.62 -19.92 -7.73
C MET A 347 30.02 -19.31 -7.77
N LEU A 348 31.04 -20.15 -7.95
CA LEU A 348 32.41 -19.66 -8.00
C LEU A 348 32.77 -19.13 -9.38
N LYS A 349 31.92 -19.39 -10.37
CA LYS A 349 32.09 -18.84 -11.70
C LYS A 349 31.34 -17.52 -11.83
N ASP A 350 30.61 -17.17 -10.77
CA ASP A 350 29.85 -15.94 -10.74
C ASP A 350 30.79 -14.75 -10.57
N LYS A 351 30.96 -13.98 -11.64
CA LYS A 351 31.90 -12.85 -11.64
C LYS A 351 31.44 -11.71 -10.74
N SER A 352 30.20 -11.79 -10.26
CA SER A 352 29.64 -10.79 -9.36
C SER A 352 30.44 -10.70 -8.07
N TYR A 353 31.07 -11.80 -7.68
CA TYR A 353 31.80 -11.85 -6.42
C TYR A 353 33.26 -11.40 -6.57
N ASP A 354 33.59 -10.85 -7.72
CA ASP A 354 34.92 -10.26 -7.91
C ASP A 354 35.05 -9.04 -7.01
N LEU A 355 36.20 -8.90 -6.36
CA LEU A 355 36.41 -7.81 -5.43
C LEU A 355 36.49 -6.46 -6.13
N ILE A 356 35.92 -5.45 -5.49
CA ILE A 356 36.10 -4.08 -5.92
C ILE A 356 37.55 -3.70 -5.66
N ASP A 357 38.26 -3.29 -6.72
CA ASP A 357 39.68 -3.01 -6.59
C ASP A 357 40.06 -1.58 -6.99
N GLU A 358 41.36 -1.37 -7.19
CA GLU A 358 41.88 -0.06 -7.55
C GLU A 358 41.49 0.35 -8.98
N LYS A 359 41.12 -0.63 -9.79
CA LYS A 359 40.65 -0.35 -11.14
C LYS A 359 39.26 0.28 -11.10
N ASP A 360 38.45 -0.15 -10.13
CA ASP A 360 37.11 0.41 -9.95
C ASP A 360 37.19 1.81 -9.35
N PHE A 361 37.95 1.95 -8.27
CA PHE A 361 38.15 3.24 -7.62
C PHE A 361 39.63 3.48 -7.34
N PRO A 362 40.30 4.22 -8.23
CA PRO A 362 41.74 4.50 -8.09
C PRO A 362 42.06 5.23 -6.79
N ASP A 363 41.19 6.15 -6.37
CA ASP A 363 41.40 6.88 -5.14
C ASP A 363 41.18 5.97 -3.94
N LYS A 364 42.17 5.90 -3.05
CA LYS A 364 42.10 5.01 -1.90
C LYS A 364 41.01 5.41 -0.91
N ALA A 365 40.88 6.71 -0.67
CA ALA A 365 39.87 7.21 0.27
C ALA A 365 38.47 6.90 -0.22
N LEU A 366 38.24 7.05 -1.53
CA LEU A 366 36.95 6.73 -2.12
C LEU A 366 36.68 5.23 -2.07
N ARG A 367 37.67 4.44 -2.48
CA ARG A 367 37.55 2.99 -2.47
C ARG A 367 37.20 2.47 -1.07
N GLU A 368 37.82 3.05 -0.05
CA GLU A 368 37.54 2.68 1.32
C GLU A 368 36.11 2.99 1.74
N ALA A 369 35.64 4.18 1.38
CA ALA A 369 34.27 4.61 1.70
C ALA A 369 33.24 3.67 1.10
N VAL A 370 33.46 3.27 -0.15
CA VAL A 370 32.56 2.36 -0.84
C VAL A 370 32.56 0.99 -0.17
N MET A 371 33.76 0.49 0.14
CA MET A 371 33.88 -0.80 0.80
C MET A 371 33.17 -0.84 2.15
N ALA A 372 33.17 0.29 2.84
CA ALA A 372 32.53 0.37 4.15
C ALA A 372 31.02 0.58 4.05
N GLN A 373 30.58 1.41 3.12
CA GLN A 373 29.18 1.82 3.04
C GLN A 373 28.35 0.98 2.09
N VAL A 374 29.00 0.37 1.10
CA VAL A 374 28.27 -0.34 0.05
C VAL A 374 28.51 -1.86 0.07
N GLY A 375 29.75 -2.26 -0.15
CA GLY A 375 30.09 -3.66 -0.23
C GLY A 375 31.48 -3.83 -0.81
N THR A 376 31.88 -5.08 -1.04
CA THR A 376 33.22 -5.36 -1.55
C THR A 376 33.17 -6.11 -2.88
N ARG A 377 31.97 -6.28 -3.41
CA ARG A 377 31.77 -7.05 -4.63
C ARG A 377 31.38 -6.13 -5.78
N LYS A 378 31.95 -6.36 -6.95
CA LYS A 378 31.64 -5.56 -8.13
C LYS A 378 30.15 -5.56 -8.42
N GLY A 379 29.48 -6.67 -8.12
CA GLY A 379 28.05 -6.82 -8.33
C GLY A 379 27.20 -6.01 -7.36
N ASP A 380 27.82 -5.47 -6.31
CA ASP A 380 27.11 -4.60 -5.39
C ASP A 380 26.89 -3.24 -6.03
N LEU A 381 27.85 -2.81 -6.85
CA LEU A 381 27.75 -1.55 -7.55
C LEU A 381 26.59 -1.54 -8.54
N GLU A 382 26.23 -2.73 -9.04
CA GLU A 382 25.13 -2.89 -9.97
C GLU A 382 23.79 -2.80 -9.25
N ARG A 383 23.80 -3.01 -7.94
CA ARG A 383 22.56 -3.26 -7.21
C ARG A 383 22.30 -2.32 -6.04
N PHE A 384 23.37 -1.76 -5.47
CA PHE A 384 23.22 -0.90 -4.29
C PHE A 384 22.28 0.27 -4.55
N ASN A 385 21.24 0.38 -3.73
CA ASN A 385 20.23 1.41 -3.88
C ASN A 385 20.04 2.19 -2.58
N GLY A 386 21.13 2.34 -1.83
CA GLY A 386 21.08 3.09 -0.60
C GLY A 386 21.76 4.45 -0.71
N THR A 387 22.56 4.79 0.30
CA THR A 387 23.17 6.11 0.36
C THR A 387 24.68 6.02 0.49
N LEU A 388 25.40 6.66 -0.44
CA LEU A 388 26.84 6.77 -0.34
C LEU A 388 27.22 8.20 0.02
N ARG A 389 27.81 8.38 1.19
CA ARG A 389 28.22 9.69 1.65
C ARG A 389 29.72 9.89 1.53
N LEU A 390 30.12 10.88 0.75
CA LEU A 390 31.53 11.18 0.57
C LEU A 390 31.86 12.49 1.26
N ASP A 391 32.34 12.41 2.49
CA ASP A 391 32.68 13.59 3.27
C ASP A 391 34.13 13.57 3.74
N ASN A 392 34.94 12.71 3.14
CA ASN A 392 36.37 12.66 3.42
C ASN A 392 37.11 13.55 2.44
N PRO A 393 37.58 14.72 2.91
CA PRO A 393 38.18 15.76 2.06
C PRO A 393 39.45 15.27 1.37
N ALA A 394 40.01 14.17 1.86
CA ALA A 394 41.20 13.56 1.27
C ALA A 394 40.93 13.06 -0.15
N ILE A 395 39.67 12.74 -0.43
CA ILE A 395 39.28 12.22 -1.75
C ILE A 395 39.73 13.16 -2.86
N GLN A 396 40.56 12.65 -3.75
CA GLN A 396 41.16 13.46 -4.80
C GLN A 396 40.53 13.17 -6.17
N SER A 397 39.98 11.98 -6.32
CA SER A 397 39.36 11.58 -7.58
C SER A 397 38.06 10.79 -7.36
N LEU A 398 37.02 11.18 -8.08
CA LEU A 398 35.73 10.49 -7.98
C LEU A 398 35.58 9.44 -9.08
N GLU A 399 36.70 9.07 -9.69
CA GLU A 399 36.73 8.04 -10.72
C GLU A 399 36.14 6.74 -10.19
N GLY A 400 35.08 6.26 -10.82
CA GLY A 400 34.46 5.01 -10.43
C GLY A 400 32.99 5.14 -10.03
N LEU A 401 32.56 6.36 -9.71
CA LEU A 401 31.18 6.60 -9.30
C LEU A 401 30.18 6.15 -10.35
N ASN A 402 30.60 6.20 -11.61
CA ASN A 402 29.75 5.80 -12.73
C ASN A 402 29.38 4.33 -12.69
N LYS A 403 30.12 3.56 -11.89
CA LYS A 403 29.85 2.14 -11.72
C LYS A 403 28.53 1.87 -10.99
N PHE A 404 28.06 2.84 -10.21
CA PHE A 404 26.78 2.73 -9.51
C PHE A 404 25.61 2.83 -10.49
N LYS A 405 24.75 1.83 -10.49
CA LYS A 405 23.64 1.78 -11.44
C LYS A 405 22.29 2.12 -10.80
N LYS A 406 22.18 1.95 -9.49
CA LYS A 406 20.89 2.10 -8.82
C LYS A 406 20.97 2.92 -7.54
N LEU A 407 22.08 3.63 -7.34
CA LEU A 407 22.30 4.43 -6.14
C LEU A 407 21.15 5.41 -5.90
N ALA A 408 20.66 5.46 -4.67
CA ALA A 408 19.53 6.32 -4.33
C ALA A 408 19.96 7.73 -3.91
N GLN A 409 20.98 7.81 -3.07
CA GLN A 409 21.43 9.09 -2.55
C GLN A 409 22.96 9.19 -2.58
N LEU A 410 23.46 10.31 -3.09
CA LEU A 410 24.89 10.57 -3.14
C LEU A 410 25.19 11.92 -2.49
N ASP A 411 25.98 11.90 -1.42
CA ASP A 411 26.33 13.12 -0.71
C ASP A 411 27.79 13.49 -0.95
N LEU A 412 28.01 14.56 -1.71
CA LEU A 412 29.35 15.08 -1.91
C LEU A 412 29.58 16.23 -0.94
N ILE A 413 30.32 15.97 0.12
CA ILE A 413 30.45 16.94 1.21
C ILE A 413 31.89 17.34 1.49
N GLY A 414 32.20 18.62 1.27
CA GLY A 414 33.49 19.17 1.63
C GLY A 414 34.68 18.61 0.87
N LEU A 415 34.41 18.03 -0.30
CA LEU A 415 35.47 17.48 -1.14
C LEU A 415 36.15 18.59 -1.93
N SER A 416 37.03 19.33 -1.27
CA SER A 416 37.59 20.56 -1.83
C SER A 416 38.73 20.34 -2.84
N ARG A 417 39.00 19.09 -3.20
CA ARG A 417 40.05 18.79 -4.17
C ARG A 417 39.45 18.44 -5.52
N ILE A 418 38.12 18.39 -5.59
CA ILE A 418 37.44 18.02 -6.83
C ILE A 418 37.23 19.26 -7.69
N THR A 419 37.67 19.18 -8.95
CA THR A 419 37.64 20.34 -9.84
C THR A 419 36.57 20.26 -10.91
N LYS A 420 36.01 19.07 -11.11
CA LYS A 420 35.03 18.87 -12.17
C LYS A 420 34.00 17.80 -11.83
N LEU A 421 32.73 18.10 -12.11
CA LEU A 421 31.66 17.11 -11.96
C LEU A 421 30.91 16.93 -13.27
N ASP A 422 30.98 15.73 -13.82
CA ASP A 422 30.26 15.40 -15.05
C ASP A 422 29.88 13.93 -15.03
N ARG A 423 29.22 13.48 -16.10
CA ARG A 423 28.68 12.13 -16.17
C ARG A 423 29.72 11.02 -16.00
N SER A 424 30.97 11.32 -16.30
CA SER A 424 32.04 10.33 -16.21
C SER A 424 32.44 10.03 -14.77
N VAL A 425 32.15 10.95 -13.86
CA VAL A 425 32.46 10.76 -12.45
C VAL A 425 31.20 10.84 -11.58
N LEU A 426 30.07 10.50 -12.18
CA LEU A 426 28.79 10.47 -11.49
C LEU A 426 28.08 9.15 -11.79
N PRO A 427 27.18 8.71 -10.90
CA PRO A 427 26.45 7.45 -11.09
C PRO A 427 25.76 7.39 -12.45
N ALA A 428 25.64 6.17 -12.99
CA ALA A 428 24.97 5.97 -14.27
C ALA A 428 23.48 6.29 -14.19
N ASN A 429 22.92 6.24 -12.98
CA ASN A 429 21.52 6.57 -12.79
C ASN A 429 21.30 8.04 -12.46
N MET A 430 22.12 8.90 -13.04
CA MET A 430 21.84 10.34 -13.02
C MET A 430 20.62 10.57 -13.90
N LYS A 431 20.55 9.83 -15.01
CA LYS A 431 19.42 9.91 -15.91
C LYS A 431 18.47 8.73 -15.66
N PRO A 432 17.18 8.90 -16.02
CA PRO A 432 16.20 7.83 -15.85
C PRO A 432 16.56 6.59 -16.68
N GLY A 433 16.12 5.43 -16.22
CA GLY A 433 16.40 4.18 -16.91
C GLY A 433 15.70 3.01 -16.25
N LYS A 434 15.71 1.88 -16.95
CA LYS A 434 15.07 0.67 -16.43
C LYS A 434 16.11 -0.35 -16.01
N ASP A 435 15.68 -1.34 -15.24
CA ASP A 435 16.56 -2.41 -14.80
C ASP A 435 17.06 -3.22 -15.99
N THR A 436 18.38 -3.40 -16.06
CA THR A 436 18.98 -4.17 -17.14
C THR A 436 19.46 -5.55 -16.67
N LEU A 437 19.43 -5.76 -15.36
CA LEU A 437 19.83 -7.04 -14.79
C LEU A 437 18.90 -8.16 -15.23
N GLU A 438 19.48 -9.23 -15.74
CA GLU A 438 18.72 -10.34 -16.28
C GLU A 438 18.12 -11.19 -15.17
N THR A 439 16.97 -11.79 -15.45
CA THR A 439 16.33 -12.70 -14.51
C THR A 439 16.68 -14.14 -14.84
N VAL A 440 16.91 -14.95 -13.81
CA VAL A 440 17.23 -16.35 -14.01
C VAL A 440 16.13 -17.27 -13.50
N LEU A 441 15.17 -16.69 -12.76
CA LEU A 441 14.08 -17.48 -12.19
C LEU A 441 12.92 -17.64 -13.17
N GLU A 442 12.21 -18.76 -13.04
CA GLU A 442 11.00 -18.99 -13.81
C GLU A 442 9.89 -18.06 -13.33
N THR A 443 8.99 -17.69 -14.23
CA THR A 443 7.89 -16.80 -13.89
C THR A 443 6.56 -17.34 -14.40
N TYR A 444 5.49 -16.59 -14.15
CA TYR A 444 4.17 -16.96 -14.62
C TYR A 444 3.86 -16.31 -15.97
N LYS A 445 4.89 -15.77 -16.62
CA LYS A 445 4.71 -15.12 -17.90
C LYS A 445 5.78 -15.55 -18.91
N GLU A 450 9.05 -10.51 -17.58
CA GLU A 450 9.64 -9.72 -16.51
C GLU A 450 9.78 -8.25 -16.91
N GLU A 451 8.80 -7.44 -16.53
CA GLU A 451 8.82 -6.01 -16.83
C GLU A 451 9.90 -5.29 -16.03
N PRO A 452 10.81 -4.60 -16.75
CA PRO A 452 11.95 -3.92 -16.14
C PRO A 452 11.50 -2.84 -15.17
N ALA A 453 11.89 -2.99 -13.91
CA ALA A 453 11.55 -2.01 -12.88
C ALA A 453 12.19 -0.67 -13.20
N THR A 454 11.57 0.40 -12.72
CA THR A 454 12.11 1.72 -12.92
C THR A 454 13.19 2.00 -11.89
N ILE A 455 14.36 2.40 -12.37
CA ILE A 455 15.45 2.79 -11.48
C ILE A 455 15.36 4.28 -11.19
N PRO A 456 15.00 4.62 -9.95
CA PRO A 456 14.89 6.04 -9.56
C PRO A 456 16.24 6.73 -9.69
N PRO A 457 16.27 7.90 -10.34
CA PRO A 457 17.51 8.66 -10.47
C PRO A 457 18.11 8.99 -9.11
N VAL A 458 19.43 9.03 -9.04
CA VAL A 458 20.11 9.32 -7.78
C VAL A 458 19.87 10.76 -7.35
N SER A 459 19.54 10.94 -6.07
CA SER A 459 19.46 12.27 -5.49
C SER A 459 20.88 12.75 -5.21
N LEU A 460 21.19 13.94 -5.71
CA LEU A 460 22.55 14.46 -5.60
C LEU A 460 22.62 15.68 -4.69
N LYS A 461 23.44 15.58 -3.65
CA LYS A 461 23.69 16.70 -2.76
C LYS A 461 25.17 17.08 -2.83
N VAL A 462 25.44 18.32 -3.23
CA VAL A 462 26.81 18.80 -3.36
C VAL A 462 27.02 20.06 -2.54
N SER A 463 27.87 19.96 -1.53
CA SER A 463 28.11 21.08 -0.63
C SER A 463 29.55 21.13 -0.17
N GLY A 464 30.19 22.29 -0.32
CA GLY A 464 31.54 22.47 0.17
C GLY A 464 32.63 22.14 -0.83
N LEU A 465 32.25 21.88 -2.08
CA LEU A 465 33.22 21.64 -3.13
C LEU A 465 33.81 22.97 -3.61
N THR A 466 34.68 23.54 -2.78
CA THR A 466 35.19 24.88 -2.98
C THR A 466 36.25 24.98 -4.07
N GLY A 467 36.58 23.85 -4.70
CA GLY A 467 37.57 23.82 -5.74
C GLY A 467 36.96 23.42 -7.07
N LEU A 468 35.64 23.24 -7.07
CA LEU A 468 34.91 22.81 -8.26
C LEU A 468 34.85 23.92 -9.31
N LYS A 469 35.47 23.67 -10.46
CA LYS A 469 35.51 24.66 -11.54
C LYS A 469 34.50 24.38 -12.64
N GLU A 470 34.18 23.11 -12.85
CA GLU A 470 33.20 22.73 -13.86
C GLU A 470 32.09 21.86 -13.30
N LEU A 471 30.85 22.24 -13.56
CA LEU A 471 29.70 21.43 -13.19
C LEU A 471 28.85 21.14 -14.42
N ASP A 472 28.90 19.91 -14.90
CA ASP A 472 28.13 19.50 -16.08
C ASP A 472 27.05 18.49 -15.72
N LEU A 473 25.82 18.95 -15.62
CA LEU A 473 24.68 18.09 -15.34
C LEU A 473 23.72 18.05 -16.52
N SER A 474 24.28 18.11 -17.73
CA SER A 474 23.47 18.20 -18.93
C SER A 474 22.90 16.86 -19.37
N GLY A 475 21.68 16.87 -19.89
CA GLY A 475 21.06 15.71 -20.48
C GLY A 475 20.82 14.55 -19.53
N PHE A 476 20.44 14.84 -18.30
CA PHE A 476 20.14 13.82 -17.32
C PHE A 476 18.66 13.73 -17.02
N ASP A 477 17.88 14.65 -17.61
CA ASP A 477 16.46 14.79 -17.28
C ASP A 477 16.25 15.00 -15.78
N ARG A 478 17.11 15.79 -15.16
CA ARG A 478 17.00 16.07 -13.73
C ARG A 478 15.70 16.82 -13.45
N GLU A 479 14.99 16.39 -12.41
CA GLU A 479 13.71 16.98 -12.08
C GLU A 479 13.88 18.27 -11.27
N THR A 480 14.92 18.32 -10.45
CA THR A 480 15.16 19.46 -9.56
C THR A 480 16.64 19.72 -9.38
N LEU A 481 16.97 20.92 -8.90
CA LEU A 481 18.36 21.27 -8.59
C LEU A 481 18.62 21.20 -7.09
N ALA A 482 17.59 20.82 -6.33
CA ALA A 482 17.69 20.70 -4.88
C ALA A 482 18.83 19.77 -4.50
N GLY A 483 19.68 20.23 -3.59
CA GLY A 483 20.85 19.49 -3.19
C GLY A 483 22.13 20.26 -3.46
N LEU A 484 22.08 21.13 -4.46
CA LEU A 484 23.23 21.96 -4.81
C LEU A 484 23.32 23.18 -3.89
N ASP A 485 24.30 23.17 -3.00
CA ASP A 485 24.55 24.31 -2.13
C ASP A 485 25.43 25.30 -2.87
N ALA A 486 24.82 26.00 -3.83
CA ALA A 486 25.55 26.83 -4.79
C ALA A 486 26.45 27.89 -4.16
N ALA A 487 26.09 28.34 -2.96
CA ALA A 487 26.85 29.38 -2.28
C ALA A 487 28.26 28.91 -1.89
N THR A 488 28.43 27.59 -1.77
CA THR A 488 29.72 27.03 -1.39
C THR A 488 30.60 26.72 -2.59
N LEU A 489 30.01 26.73 -3.78
CA LEU A 489 30.75 26.43 -5.01
C LEU A 489 31.44 27.68 -5.53
N THR A 490 32.43 28.15 -4.77
CA THR A 490 33.03 29.46 -4.98
C THR A 490 34.08 29.50 -6.11
N SER A 491 34.42 28.35 -6.67
CA SER A 491 35.42 28.29 -7.71
C SER A 491 34.82 28.04 -9.09
N LEU A 492 33.49 28.09 -9.18
CA LEU A 492 32.79 27.78 -10.43
C LEU A 492 33.15 28.74 -11.56
N GLU A 493 33.55 28.16 -12.70
CA GLU A 493 33.92 28.93 -13.88
C GLU A 493 33.11 28.48 -15.10
N LYS A 494 32.41 27.35 -14.96
CA LYS A 494 31.64 26.80 -16.06
C LYS A 494 30.52 25.91 -15.54
N VAL A 495 29.32 26.07 -16.11
CA VAL A 495 28.18 25.28 -15.69
C VAL A 495 27.29 24.90 -16.88
N ASP A 496 26.67 23.73 -16.79
CA ASP A 496 25.76 23.26 -17.82
C ASP A 496 24.66 22.42 -17.19
N ILE A 497 23.49 23.03 -17.02
CA ILE A 497 22.32 22.31 -16.52
C ILE A 497 21.25 22.19 -17.61
N SER A 498 21.67 22.32 -18.86
CA SER A 498 20.75 22.24 -19.98
C SER A 498 20.29 20.81 -20.22
N GLY A 499 19.16 20.66 -20.92
CA GLY A 499 18.66 19.35 -21.30
C GLY A 499 18.12 18.54 -20.13
N ASN A 500 17.51 19.23 -19.18
CA ASN A 500 16.87 18.54 -18.07
C ASN A 500 15.38 18.87 -18.00
N LYS A 501 14.81 18.73 -16.81
CA LYS A 501 13.41 19.04 -16.59
C LYS A 501 13.27 20.07 -15.49
N LEU A 502 14.12 21.09 -15.55
CA LEU A 502 14.18 22.11 -14.51
C LEU A 502 13.26 23.29 -14.79
N ASP A 503 12.49 23.67 -13.77
CA ASP A 503 11.68 24.87 -13.83
C ASP A 503 12.50 26.05 -13.32
N LEU A 504 13.00 26.86 -14.25
CA LEU A 504 13.88 27.97 -13.90
C LEU A 504 13.17 29.33 -13.88
N ALA A 505 11.86 29.32 -13.65
CA ALA A 505 11.11 30.56 -13.55
C ALA A 505 11.54 31.34 -12.31
N PRO A 506 11.47 32.68 -12.36
CA PRO A 506 11.84 33.53 -11.22
C PRO A 506 11.04 33.19 -9.97
N GLY A 507 11.70 33.24 -8.82
CA GLY A 507 11.05 32.99 -7.55
C GLY A 507 11.12 31.54 -7.12
N THR A 508 11.52 30.67 -8.04
CA THR A 508 11.63 29.24 -7.76
C THR A 508 12.97 28.90 -7.10
N GLU A 509 13.02 27.75 -6.43
CA GLU A 509 14.25 27.33 -5.76
C GLU A 509 15.33 27.01 -6.78
N ASN A 510 14.94 26.35 -7.87
CA ASN A 510 15.86 26.06 -8.96
C ASN A 510 16.54 27.32 -9.49
N ARG A 511 15.74 28.40 -9.61
CA ARG A 511 16.25 29.66 -10.12
C ARG A 511 17.25 30.29 -9.14
N GLN A 512 16.95 30.19 -7.86
CA GLN A 512 17.82 30.74 -6.82
C GLN A 512 19.20 30.10 -6.89
N ILE A 513 19.22 28.77 -6.98
CA ILE A 513 20.46 28.02 -7.07
C ILE A 513 21.25 28.39 -8.33
N PHE A 514 20.55 28.44 -9.46
CA PHE A 514 21.18 28.79 -10.73
C PHE A 514 21.76 30.21 -10.72
N ASP A 515 21.00 31.15 -10.17
CA ASP A 515 21.45 32.54 -10.11
C ASP A 515 22.72 32.70 -9.29
N THR A 516 22.82 31.91 -8.21
CA THR A 516 24.00 31.94 -7.36
C THR A 516 25.23 31.43 -8.12
N MET A 517 25.05 30.36 -8.87
CA MET A 517 26.12 29.81 -9.69
C MET A 517 26.49 30.79 -10.79
N LEU A 518 25.48 31.44 -11.35
CA LEU A 518 25.68 32.42 -12.43
C LEU A 518 26.51 33.60 -11.94
N SER A 519 26.17 34.09 -10.74
CA SER A 519 26.88 35.21 -10.13
C SER A 519 28.36 34.89 -9.92
N THR A 520 28.63 33.69 -9.40
CA THR A 520 30.00 33.24 -9.17
C THR A 520 30.80 33.20 -10.47
N ILE A 521 30.18 32.64 -11.52
CA ILE A 521 30.85 32.50 -12.80
C ILE A 521 31.14 33.85 -13.46
N SER A 522 30.17 34.76 -13.41
CA SER A 522 30.31 36.09 -14.00
C SER A 522 31.52 36.83 -13.42
N ASN A 523 31.68 36.75 -12.10
CA ASN A 523 32.78 37.42 -11.42
C ASN A 523 34.13 36.80 -11.73
N HIS A 524 34.15 35.48 -11.96
CA HIS A 524 35.39 34.77 -12.24
C HIS A 524 35.87 34.96 -13.68
N VAL A 525 35.08 34.48 -14.64
CA VAL A 525 35.48 34.49 -16.05
C VAL A 525 34.44 35.12 -16.96
N GLY A 526 33.34 35.58 -16.39
CA GLY A 526 32.29 36.22 -17.15
C GLY A 526 31.27 35.24 -17.69
N SER A 527 29.99 35.61 -17.61
CA SER A 527 28.91 34.77 -18.08
C SER A 527 28.67 34.92 -19.59
N ASN A 528 28.92 33.85 -20.32
CA ASN A 528 28.63 33.83 -21.75
C ASN A 528 28.00 32.50 -22.15
N GLU A 529 27.80 32.31 -23.45
CA GLU A 529 27.10 31.14 -23.95
C GLU A 529 27.92 29.85 -23.85
N GLN A 530 29.19 29.97 -23.49
CA GLN A 530 30.05 28.79 -23.39
C GLN A 530 30.46 28.45 -21.96
N THR A 531 30.14 29.35 -21.03
CA THR A 531 30.42 29.10 -19.62
C THR A 531 29.12 28.90 -18.84
N VAL A 532 28.00 29.20 -19.48
CA VAL A 532 26.69 29.08 -18.85
C VAL A 532 25.65 28.49 -19.80
N LYS A 533 25.17 27.29 -19.49
CA LYS A 533 24.18 26.61 -20.32
C LYS A 533 23.03 26.09 -19.48
N PHE A 534 21.80 26.27 -19.95
CA PHE A 534 20.63 26.05 -19.11
C PHE A 534 19.33 25.79 -19.88
N ASP A 535 19.38 25.86 -21.21
CA ASP A 535 18.17 25.74 -22.01
C ASP A 535 17.72 24.29 -22.23
N LYS A 536 16.78 24.10 -23.15
CA LYS A 536 16.25 22.79 -23.49
C LYS A 536 15.66 22.04 -22.29
N GLN A 537 14.98 22.77 -21.41
CA GLN A 537 14.34 22.17 -20.25
C GLN A 537 12.92 21.73 -20.57
N LYS A 538 12.52 20.56 -20.04
CA LYS A 538 11.15 20.08 -20.18
C LYS A 538 10.56 19.74 -18.82
N PRO A 539 10.17 20.76 -18.05
CA PRO A 539 9.64 20.58 -16.70
C PRO A 539 8.44 19.63 -16.68
N THR A 540 8.36 18.80 -15.64
CA THR A 540 7.28 17.83 -15.51
C THR A 540 5.97 18.50 -15.11
N GLY A 541 4.88 18.07 -15.72
CA GLY A 541 3.56 18.56 -15.35
C GLY A 541 2.96 17.74 -14.22
N HIS A 542 2.51 18.42 -13.17
CA HIS A 542 1.91 17.75 -12.02
C HIS A 542 0.51 18.27 -11.72
N TYR A 543 -0.27 17.46 -11.00
CA TYR A 543 -1.59 17.88 -10.53
C TYR A 543 -1.45 18.75 -9.28
N PRO A 544 -2.10 19.91 -9.29
CA PRO A 544 -2.14 20.82 -8.13
C PRO A 544 -2.67 20.12 -6.90
N ASP A 545 -2.18 20.50 -5.72
CA ASP A 545 -2.66 19.92 -4.47
C ASP A 545 -4.06 20.42 -4.17
N THR A 546 -4.29 21.70 -4.43
CA THR A 546 -5.57 22.34 -4.16
C THR A 546 -6.05 23.08 -5.38
N TYR A 547 -7.33 23.44 -5.40
CA TYR A 547 -7.91 24.17 -6.52
C TYR A 547 -8.63 25.43 -6.05
N GLY A 548 -8.53 26.50 -6.83
CA GLY A 548 -8.97 27.81 -6.37
C GLY A 548 -10.40 28.20 -6.67
N LYS A 549 -10.92 27.77 -7.82
CA LYS A 549 -12.25 28.18 -8.26
C LYS A 549 -13.34 27.36 -7.56
N THR A 550 -13.83 27.87 -6.44
CA THR A 550 -14.81 27.16 -5.63
C THR A 550 -16.24 27.63 -5.90
N SER A 551 -16.36 28.63 -6.77
CA SER A 551 -17.67 29.20 -7.06
C SER A 551 -17.80 29.56 -8.54
N LEU A 552 -18.96 29.29 -9.11
CA LEU A 552 -19.23 29.62 -10.50
C LEU A 552 -20.67 30.07 -10.67
N ARG A 553 -20.86 31.32 -11.07
CA ARG A 553 -22.18 31.88 -11.29
C ARG A 553 -22.52 31.96 -12.77
N LEU A 554 -23.62 31.34 -13.15
CA LEU A 554 -24.04 31.31 -14.56
C LEU A 554 -25.46 31.83 -14.73
N PRO A 555 -25.71 32.51 -15.86
CA PRO A 555 -27.06 33.01 -16.15
C PRO A 555 -27.95 31.88 -16.67
N VAL A 556 -29.25 31.99 -16.46
CA VAL A 556 -30.19 31.04 -17.02
C VAL A 556 -30.22 31.19 -18.54
N ALA A 557 -29.78 30.17 -19.26
CA ALA A 557 -29.71 30.22 -20.70
C ALA A 557 -29.75 28.81 -21.30
N ASN A 558 -30.02 28.74 -22.60
CA ASN A 558 -30.03 27.46 -23.30
C ASN A 558 -28.63 27.03 -23.71
N GLU A 559 -27.78 26.80 -22.72
CA GLU A 559 -26.39 26.44 -22.97
C GLU A 559 -25.96 25.25 -22.12
N LYS A 560 -25.00 24.48 -22.61
CA LYS A 560 -24.40 23.41 -21.83
C LYS A 560 -22.99 23.81 -21.41
N VAL A 561 -22.61 23.47 -20.19
CA VAL A 561 -21.33 23.90 -19.63
C VAL A 561 -20.45 22.73 -19.21
N ASP A 562 -19.19 22.78 -19.62
CA ASP A 562 -18.21 21.76 -19.22
C ASP A 562 -17.67 22.09 -17.83
N LEU A 563 -18.20 21.40 -16.83
CA LEU A 563 -17.86 21.66 -15.43
C LEU A 563 -16.37 21.50 -15.14
N GLN A 564 -15.77 20.48 -15.75
CA GLN A 564 -14.36 20.20 -15.55
C GLN A 564 -13.49 21.38 -16.00
N SER A 565 -13.70 21.83 -17.23
CA SER A 565 -12.86 22.89 -17.80
C SER A 565 -13.05 24.23 -17.10
N GLN A 566 -14.18 24.39 -16.42
CA GLN A 566 -14.47 25.65 -15.76
C GLN A 566 -14.25 25.63 -14.25
N LEU A 567 -13.94 24.46 -13.71
CA LEU A 567 -13.73 24.34 -12.27
C LEU A 567 -12.47 23.55 -11.91
N LEU A 568 -12.20 22.49 -12.66
CA LEU A 568 -11.09 21.61 -12.34
C LEU A 568 -10.02 21.66 -13.44
N PHE A 569 -9.05 22.55 -13.26
CA PHE A 569 -7.98 22.72 -14.23
C PHE A 569 -6.69 23.20 -13.58
N GLY A 570 -5.61 23.19 -14.36
CA GLY A 570 -4.34 23.70 -13.89
C GLY A 570 -3.25 22.64 -13.83
N THR A 571 -2.05 23.04 -14.23
CA THR A 571 -0.87 22.17 -14.14
C THR A 571 0.24 22.91 -13.40
N VAL A 572 0.83 22.26 -12.41
CA VAL A 572 1.85 22.89 -11.57
C VAL A 572 3.20 22.15 -11.68
N THR A 573 4.30 22.90 -11.61
CA THR A 573 5.63 22.30 -11.59
C THR A 573 6.04 21.96 -10.17
N ASN A 574 7.14 21.23 -10.03
CA ASN A 574 7.63 20.86 -8.70
C ASN A 574 8.29 22.02 -7.96
N GLN A 575 8.33 23.18 -8.62
CA GLN A 575 8.86 24.39 -8.01
C GLN A 575 7.72 25.33 -7.59
N GLY A 576 6.49 24.90 -7.84
CA GLY A 576 5.33 25.64 -7.41
C GLY A 576 4.69 26.49 -8.48
N THR A 577 5.28 26.51 -9.68
CA THR A 577 4.77 27.33 -10.77
C THR A 577 3.49 26.75 -11.35
N LEU A 578 2.37 27.44 -11.11
CA LEU A 578 1.07 26.98 -11.57
C LEU A 578 0.71 27.53 -12.95
N ILE A 579 0.41 26.64 -13.88
CA ILE A 579 -0.04 27.04 -15.21
C ILE A 579 -1.51 26.63 -15.40
N ASN A 580 -2.40 27.62 -15.37
CA ASN A 580 -3.84 27.36 -15.43
C ASN A 580 -4.40 27.29 -16.86
N SER A 581 -3.62 27.74 -17.84
CA SER A 581 -4.09 27.76 -19.21
C SER A 581 -2.93 27.84 -20.20
N GLU A 582 -3.24 27.66 -21.48
CA GLU A 582 -2.25 27.76 -22.53
C GLU A 582 -1.62 29.16 -22.56
N ALA A 583 -2.41 30.16 -22.21
CA ALA A 583 -1.93 31.54 -22.15
C ALA A 583 -0.89 31.69 -21.05
N ASP A 584 -1.12 31.01 -19.93
CA ASP A 584 -0.17 31.02 -18.82
C ASP A 584 1.14 30.38 -19.25
N TYR A 585 1.04 29.31 -20.04
CA TYR A 585 2.22 28.57 -20.49
C TYR A 585 3.00 29.35 -21.54
N LYS A 586 2.28 30.12 -22.36
CA LYS A 586 2.93 30.95 -23.37
C LYS A 586 3.74 32.05 -22.68
N ALA A 587 3.21 32.56 -21.58
CA ALA A 587 3.93 33.55 -20.78
C ALA A 587 5.12 32.89 -20.10
N TYR A 588 4.96 31.61 -19.78
CA TYR A 588 6.02 30.83 -19.18
C TYR A 588 7.11 30.51 -20.22
N GLN A 589 6.70 30.38 -21.48
CA GLN A 589 7.62 30.01 -22.56
C GLN A 589 8.59 31.11 -22.94
N ASN A 590 8.26 32.36 -22.61
CA ASN A 590 9.15 33.47 -22.95
C ASN A 590 9.81 34.12 -21.74
N HIS A 591 9.87 33.37 -20.64
CA HIS A 591 10.74 33.73 -19.52
C HIS A 591 12.17 33.68 -20.04
N LYS A 592 12.85 34.82 -19.98
CA LYS A 592 14.20 34.91 -20.53
C LYS A 592 15.28 34.83 -19.45
N ILE A 593 16.37 34.15 -19.80
CA ILE A 593 17.59 34.21 -19.01
C ILE A 593 18.72 34.51 -19.97
N ALA A 594 19.42 35.61 -19.74
CA ALA A 594 20.47 36.08 -20.63
C ALA A 594 19.96 36.32 -22.06
N GLY A 595 18.65 36.54 -22.18
CA GLY A 595 18.06 36.88 -23.47
C GLY A 595 17.40 35.72 -24.19
N ARG A 596 17.50 34.52 -23.64
CA ARG A 596 16.87 33.36 -24.26
C ARG A 596 16.10 32.52 -23.25
N SER A 597 15.06 31.85 -23.73
CA SER A 597 14.21 31.02 -22.88
C SER A 597 14.90 29.71 -22.52
N PHE A 598 14.57 29.19 -21.34
CA PHE A 598 15.17 27.95 -20.86
C PHE A 598 14.32 26.73 -21.25
N VAL A 599 13.10 26.97 -21.70
CA VAL A 599 12.19 25.89 -22.07
C VAL A 599 12.48 25.40 -23.49
N ASP A 600 12.49 24.08 -23.66
CA ASP A 600 12.76 23.48 -24.97
C ASP A 600 11.73 23.94 -25.99
N SER A 601 12.20 24.21 -27.21
CA SER A 601 11.35 24.73 -28.27
C SER A 601 10.27 23.72 -28.69
N ASN A 602 10.55 22.44 -28.51
CA ASN A 602 9.61 21.40 -28.91
C ASN A 602 8.70 20.95 -27.77
N TYR A 603 8.84 21.59 -26.62
CA TYR A 603 8.05 21.22 -25.45
C TYR A 603 6.83 22.15 -25.31
N HIS A 604 5.76 21.82 -26.02
CA HIS A 604 4.58 22.67 -26.06
C HIS A 604 3.61 22.40 -24.92
N TYR A 605 2.50 23.15 -24.91
CA TYR A 605 1.51 23.06 -23.83
C TYR A 605 0.91 21.67 -23.69
N ASN A 606 0.60 21.03 -24.82
CA ASN A 606 0.03 19.69 -24.80
C ASN A 606 1.01 18.65 -24.28
N ASN A 607 2.30 18.94 -24.41
CA ASN A 607 3.34 18.06 -23.90
C ASN A 607 3.52 18.23 -22.40
N PHE A 608 3.06 19.37 -21.89
CA PHE A 608 3.27 19.72 -20.48
C PHE A 608 2.05 19.53 -19.59
N LYS A 609 0.87 19.85 -20.12
CA LYS A 609 -0.35 19.86 -19.30
C LYS A 609 -0.79 18.46 -18.89
N VAL A 610 -1.28 18.34 -17.65
CA VAL A 610 -1.85 17.09 -17.18
C VAL A 610 -3.25 16.93 -17.76
N SER A 611 -3.76 15.70 -17.76
CA SER A 611 -5.07 15.42 -18.34
C SER A 611 -6.11 15.18 -17.27
N TYR A 612 -7.25 15.85 -17.40
CA TYR A 612 -8.38 15.63 -16.49
C TYR A 612 -9.46 14.84 -17.21
N GLU A 613 -9.10 14.26 -18.36
CA GLU A 613 -10.03 13.56 -19.22
C GLU A 613 -10.77 12.42 -18.53
N ASN A 614 -10.07 11.73 -17.63
CA ASN A 614 -10.64 10.57 -16.95
C ASN A 614 -11.11 10.85 -15.53
N TYR A 615 -11.21 12.13 -15.18
CA TYR A 615 -11.76 12.53 -13.91
C TYR A 615 -13.28 12.42 -13.97
N THR A 616 -13.91 12.16 -12.83
CA THR A 616 -15.36 12.05 -12.76
C THR A 616 -15.97 13.11 -11.85
N VAL A 617 -17.28 13.33 -12.00
CA VAL A 617 -17.96 14.35 -11.20
C VAL A 617 -19.17 13.77 -10.47
N LYS A 618 -19.63 14.50 -9.46
CA LYS A 618 -20.89 14.21 -8.80
C LYS A 618 -21.62 15.52 -8.54
N VAL A 619 -22.69 15.77 -9.30
CA VAL A 619 -23.43 17.01 -9.20
C VAL A 619 -24.70 16.85 -8.36
N THR A 620 -24.79 17.61 -7.27
CA THR A 620 -25.94 17.55 -6.38
C THR A 620 -26.71 18.87 -6.41
N ASP A 621 -27.99 18.81 -6.76
CA ASP A 621 -28.81 20.03 -6.81
C ASP A 621 -29.32 20.40 -5.42
N SER A 622 -30.07 21.49 -5.35
CA SER A 622 -30.54 22.00 -4.06
C SER A 622 -31.59 21.09 -3.42
N THR A 623 -32.18 20.20 -4.21
CA THR A 623 -33.13 19.23 -3.68
C THR A 623 -32.42 17.91 -3.34
N LEU A 624 -31.08 17.94 -3.38
CA LEU A 624 -30.24 16.78 -3.12
C LEU A 624 -30.38 15.67 -4.17
N GLY A 625 -30.80 16.04 -5.36
CA GLY A 625 -30.82 15.11 -6.48
C GLY A 625 -29.45 15.07 -7.12
N THR A 626 -28.99 13.87 -7.46
CA THR A 626 -27.61 13.70 -7.93
C THR A 626 -27.52 13.17 -9.36
N THR A 627 -26.50 13.64 -10.07
CA THR A 627 -26.15 13.10 -11.38
C THR A 627 -24.64 12.96 -11.46
N THR A 628 -24.14 12.29 -12.49
CA THR A 628 -22.71 12.14 -12.67
C THR A 628 -22.25 12.72 -14.00
N ASP A 629 -23.10 13.54 -14.61
CA ASP A 629 -22.80 14.13 -15.90
C ASP A 629 -21.83 15.29 -15.76
N LYS A 630 -20.76 15.26 -16.54
CA LYS A 630 -19.75 16.31 -16.51
C LYS A 630 -20.24 17.58 -17.19
N THR A 631 -21.28 17.42 -18.01
CA THR A 631 -21.88 18.54 -18.72
C THR A 631 -23.14 19.01 -18.00
N LEU A 632 -23.24 20.32 -17.77
CA LEU A 632 -24.38 20.90 -17.08
C LEU A 632 -25.19 21.83 -17.98
N ALA A 633 -26.50 21.63 -18.00
CA ALA A 633 -27.39 22.51 -18.76
C ALA A 633 -27.87 23.65 -17.86
N THR A 634 -27.80 24.86 -18.38
CA THR A 634 -28.14 26.04 -17.58
C THR A 634 -29.53 26.58 -17.93
N ASP A 635 -30.34 25.73 -18.56
CA ASP A 635 -31.69 26.15 -18.97
C ASP A 635 -32.64 26.23 -17.78
N LYS A 636 -32.20 25.70 -16.63
CA LYS A 636 -33.01 25.71 -15.43
C LYS A 636 -32.28 26.41 -14.28
N GLU A 637 -33.00 27.24 -13.56
CA GLU A 637 -32.44 27.95 -12.41
C GLU A 637 -32.26 27.02 -11.23
N GLU A 638 -31.01 26.72 -10.90
CA GLU A 638 -30.69 25.77 -9.85
C GLU A 638 -29.30 26.00 -9.27
N THR A 639 -29.14 25.67 -7.99
CA THR A 639 -27.84 25.76 -7.33
C THR A 639 -27.29 24.35 -7.09
N TYR A 640 -26.03 24.13 -7.45
CA TYR A 640 -25.43 22.81 -7.36
C TYR A 640 -24.19 22.75 -6.48
N LYS A 641 -23.93 21.57 -5.92
CA LYS A 641 -22.66 21.27 -5.28
C LYS A 641 -21.94 20.26 -6.16
N VAL A 642 -20.74 20.60 -6.62
CA VAL A 642 -20.01 19.75 -7.54
C VAL A 642 -18.73 19.17 -6.95
N ASP A 643 -18.69 17.84 -6.85
CA ASP A 643 -17.49 17.14 -6.40
C ASP A 643 -16.73 16.57 -7.58
N PHE A 644 -15.40 16.68 -7.55
CA PHE A 644 -14.56 16.13 -8.61
C PHE A 644 -13.72 14.98 -8.06
N PHE A 645 -13.61 13.91 -8.83
CA PHE A 645 -12.87 12.73 -8.39
C PHE A 645 -11.80 12.30 -9.38
N SER A 646 -10.66 11.87 -8.85
CA SER A 646 -9.55 11.37 -9.65
C SER A 646 -9.80 9.89 -9.95
N PRO A 647 -9.29 9.39 -11.08
CA PRO A 647 -9.40 7.97 -11.43
C PRO A 647 -8.85 7.07 -10.34
N ALA A 648 -7.83 7.53 -9.63
CA ALA A 648 -7.21 6.75 -8.56
C ALA A 648 -8.16 6.50 -7.40
N ASP A 649 -8.89 7.54 -7.00
CA ASP A 649 -9.80 7.44 -5.87
C ASP A 649 -11.15 8.05 -6.19
N LYS A 650 -12.16 7.20 -6.38
CA LYS A 650 -13.49 7.66 -6.74
C LYS A 650 -14.36 8.02 -5.54
N THR A 651 -13.87 7.77 -4.34
CA THR A 651 -14.65 8.05 -3.15
C THR A 651 -14.14 9.27 -2.37
N LYS A 652 -13.09 9.90 -2.89
CA LYS A 652 -12.51 11.07 -2.23
C LYS A 652 -12.32 12.22 -3.20
N ALA A 653 -12.97 13.35 -2.89
CA ALA A 653 -12.98 14.50 -3.77
C ALA A 653 -11.68 15.28 -3.73
N VAL A 654 -11.13 15.57 -4.91
CA VAL A 654 -9.92 16.36 -5.03
C VAL A 654 -10.26 17.85 -5.07
N HIS A 655 -11.52 18.15 -5.35
CA HIS A 655 -11.98 19.53 -5.41
C HIS A 655 -13.50 19.62 -5.26
N THR A 656 -13.96 20.64 -4.55
CA THR A 656 -15.39 20.86 -4.38
C THR A 656 -15.74 22.30 -4.71
N ALA A 657 -16.74 22.48 -5.56
CA ALA A 657 -17.15 23.82 -5.97
C ALA A 657 -18.67 23.95 -5.91
N LYS A 658 -19.14 25.19 -5.83
CA LYS A 658 -20.56 25.46 -5.86
C LYS A 658 -20.94 26.15 -7.17
N VAL A 659 -21.93 25.60 -7.86
CA VAL A 659 -22.38 26.16 -9.13
C VAL A 659 -23.78 26.77 -9.00
N ILE A 660 -23.88 28.06 -9.28
CA ILE A 660 -25.15 28.78 -9.14
C ILE A 660 -25.66 29.28 -10.48
N VAL A 661 -26.77 28.69 -10.94
CA VAL A 661 -27.43 29.14 -12.15
C VAL A 661 -28.64 29.98 -11.76
N GLY A 662 -28.63 31.25 -12.16
CA GLY A 662 -29.67 32.18 -11.73
C GLY A 662 -29.43 32.63 -10.31
N ASP A 663 -30.51 32.82 -9.55
CA ASP A 663 -30.39 33.22 -8.15
C ASP A 663 -30.08 32.01 -7.27
N GLU A 664 -29.17 32.20 -6.32
CA GLU A 664 -28.73 31.10 -5.47
C GLU A 664 -29.86 30.54 -4.61
N LYS A 665 -29.98 29.22 -4.61
CA LYS A 665 -30.94 28.54 -3.74
C LYS A 665 -30.18 27.82 -2.63
N THR A 666 -30.66 27.99 -1.40
CA THR A 666 -30.11 27.29 -0.25
C THR A 666 -30.28 25.78 -0.41
N MET A 667 -29.25 25.02 -0.06
CA MET A 667 -29.30 23.57 -0.16
C MET A 667 -30.26 23.01 0.90
N MET A 668 -31.20 22.18 0.46
CA MET A 668 -32.14 21.55 1.39
C MET A 668 -31.45 20.45 2.17
N VAL A 669 -32.12 19.95 3.20
CA VAL A 669 -31.64 18.78 3.93
C VAL A 669 -32.73 17.73 4.02
N ASN A 670 -32.32 16.47 4.12
CA ASN A 670 -33.26 15.38 4.31
C ASN A 670 -33.79 15.39 5.74
N LEU A 671 -34.98 15.94 5.91
CA LEU A 671 -35.61 16.03 7.22
C LEU A 671 -36.13 14.67 7.67
N ALA A 672 -36.11 13.68 6.79
CA ALA A 672 -36.63 12.35 7.10
C ALA A 672 -35.53 11.39 7.54
N GLU A 673 -34.28 11.82 7.45
CA GLU A 673 -33.17 10.98 7.89
C GLU A 673 -33.18 10.86 9.40
N GLY A 674 -33.11 9.62 9.88
CA GLY A 674 -33.10 9.35 11.30
C GLY A 674 -34.49 9.39 11.91
N ALA A 675 -35.51 9.40 11.07
CA ALA A 675 -36.90 9.39 11.54
C ALA A 675 -37.23 8.09 12.25
N THR A 676 -38.32 8.10 13.03
CA THR A 676 -38.74 6.92 13.77
C THR A 676 -39.96 6.28 13.13
N VAL A 677 -39.86 4.99 12.83
CA VAL A 677 -41.00 4.22 12.32
C VAL A 677 -41.96 3.93 13.47
N ILE A 678 -43.25 4.23 13.25
CA ILE A 678 -44.26 4.09 14.28
C ILE A 678 -45.20 2.92 13.97
N GLY A 679 -45.54 2.78 12.70
CA GLY A 679 -46.47 1.74 12.29
C GLY A 679 -46.36 1.43 10.81
N GLY A 680 -47.49 1.06 10.21
CA GLY A 680 -47.52 0.70 8.80
C GLY A 680 -47.28 -0.78 8.59
N SER A 681 -48.00 -1.37 7.64
CA SER A 681 -47.86 -2.78 7.34
C SER A 681 -46.54 -3.07 6.65
N ALA A 682 -45.46 -3.09 7.43
CA ALA A 682 -44.13 -3.32 6.89
C ALA A 682 -43.15 -3.77 7.97
N ASP A 683 -42.09 -4.45 7.54
CA ASP A 683 -41.00 -4.86 8.43
C ASP A 683 -40.39 -3.63 9.07
N PRO A 684 -40.60 -3.47 10.39
CA PRO A 684 -40.18 -2.26 11.11
C PRO A 684 -38.67 -2.06 11.12
N VAL A 685 -37.90 -3.13 11.00
CA VAL A 685 -36.44 -3.00 11.02
C VAL A 685 -35.88 -2.63 9.66
N ASN A 686 -36.52 -3.11 8.60
CA ASN A 686 -36.13 -2.75 7.24
C ASN A 686 -36.68 -1.39 6.85
N ALA A 687 -37.83 -1.04 7.44
CA ALA A 687 -38.44 0.26 7.20
C ALA A 687 -37.53 1.38 7.70
N ARG A 688 -36.79 1.12 8.77
CA ARG A 688 -35.88 2.10 9.33
C ARG A 688 -34.69 2.36 8.41
N LYS A 689 -34.49 1.45 7.46
CA LYS A 689 -33.35 1.54 6.55
C LYS A 689 -33.58 2.50 5.39
N VAL A 690 -34.82 2.96 5.23
CA VAL A 690 -35.11 3.97 4.21
C VAL A 690 -34.80 5.36 4.75
N PHE A 691 -34.39 5.42 6.02
CA PHE A 691 -34.12 6.70 6.68
C PHE A 691 -32.71 6.75 7.23
N ASP A 692 -31.84 5.83 6.82
CA ASP A 692 -30.51 5.74 7.41
C ASP A 692 -29.44 6.61 6.72
N GLY A 693 -29.76 7.11 5.54
CA GLY A 693 -28.88 8.03 4.84
C GLY A 693 -27.89 7.37 3.90
N GLN A 694 -28.14 6.10 3.58
CA GLN A 694 -27.29 5.36 2.65
C GLN A 694 -28.16 4.56 1.69
N LEU A 695 -27.57 4.13 0.58
CA LEU A 695 -28.29 3.29 -0.36
C LEU A 695 -28.29 1.85 0.13
N GLY A 696 -27.45 1.58 1.12
CA GLY A 696 -27.35 0.25 1.69
C GLY A 696 -26.38 -0.62 0.91
N SER A 697 -26.08 -1.79 1.46
CA SER A 697 -25.22 -2.74 0.79
C SER A 697 -26.05 -3.58 -0.18
N GLU A 698 -25.42 -4.01 -1.27
CA GLU A 698 -26.11 -4.81 -2.27
C GLU A 698 -26.57 -6.14 -1.69
N THR A 699 -25.80 -6.66 -0.74
CA THR A 699 -26.08 -7.96 -0.13
C THR A 699 -27.16 -7.88 0.95
N ASP A 700 -27.49 -6.66 1.38
CA ASP A 700 -28.42 -6.47 2.48
C ASP A 700 -29.88 -6.69 2.08
N ASN A 701 -30.61 -7.43 2.91
CA ASN A 701 -32.04 -7.61 2.74
C ASN A 701 -32.76 -6.32 3.18
N ILE A 702 -33.39 -5.64 2.22
CA ILE A 702 -33.97 -4.34 2.49
C ILE A 702 -35.49 -4.31 2.26
N SER A 703 -36.02 -5.44 1.79
CA SER A 703 -37.44 -5.56 1.48
C SER A 703 -38.34 -5.16 2.65
N LEU A 704 -39.40 -4.41 2.34
CA LEU A 704 -40.30 -3.89 3.36
C LEU A 704 -41.24 -4.95 3.94
N GLY A 705 -41.51 -5.98 3.16
CA GLY A 705 -42.41 -7.04 3.59
C GLY A 705 -42.53 -8.15 2.57
N TRP A 706 -43.65 -8.86 2.61
CA TRP A 706 -43.89 -9.95 1.67
C TRP A 706 -44.86 -9.50 0.58
N ASP A 707 -45.95 -8.85 0.99
CA ASP A 707 -46.95 -8.35 0.04
C ASP A 707 -46.35 -7.27 -0.85
N SER A 708 -46.90 -7.12 -2.05
CA SER A 708 -46.39 -6.16 -3.02
C SER A 708 -46.78 -4.73 -2.65
N LYS A 709 -47.60 -4.57 -1.62
CA LYS A 709 -48.01 -3.25 -1.16
C LYS A 709 -47.77 -3.08 0.33
N GLN A 710 -46.72 -2.35 0.68
CA GLN A 710 -46.36 -2.10 2.07
C GLN A 710 -46.50 -0.62 2.40
N SER A 711 -46.72 -0.31 3.68
CA SER A 711 -46.82 1.07 4.11
C SER A 711 -45.94 1.34 5.33
N ILE A 712 -45.52 2.60 5.47
CA ILE A 712 -44.70 3.01 6.60
C ILE A 712 -45.23 4.29 7.24
N ILE A 713 -45.55 4.21 8.53
CA ILE A 713 -45.96 5.38 9.29
C ILE A 713 -44.81 5.84 10.17
N PHE A 714 -44.41 7.10 10.04
CA PHE A 714 -43.22 7.58 10.74
C PHE A 714 -43.33 9.00 11.27
N LYS A 715 -42.30 9.41 12.00
CA LYS A 715 -42.24 10.73 12.62
C LYS A 715 -40.89 11.40 12.35
N LEU A 716 -40.93 12.65 11.91
CA LEU A 716 -39.71 13.42 11.66
C LEU A 716 -39.05 13.84 12.96
N LYS A 717 -37.76 14.19 12.88
CA LYS A 717 -36.98 14.51 14.07
C LYS A 717 -36.87 16.01 14.36
N GLU A 718 -36.83 16.82 13.31
CA GLU A 718 -36.65 18.26 13.48
C GLU A 718 -37.79 19.04 12.85
N ASP A 719 -38.19 20.13 13.50
CA ASP A 719 -39.18 21.04 12.95
C ASP A 719 -38.61 21.67 11.68
N GLY A 720 -39.32 21.51 10.57
CA GLY A 720 -38.84 22.04 9.31
C GLY A 720 -39.93 22.26 8.28
N LEU A 721 -39.60 23.07 7.28
CA LEU A 721 -40.52 23.37 6.21
C LEU A 721 -40.23 22.49 5.00
N ILE A 722 -41.15 21.57 4.70
CA ILE A 722 -40.95 20.62 3.62
C ILE A 722 -41.29 21.23 2.26
N LYS A 723 -40.37 21.09 1.31
CA LYS A 723 -40.54 21.68 -0.01
C LYS A 723 -40.32 20.70 -1.15
N HIS A 724 -40.04 19.44 -0.80
CA HIS A 724 -39.69 18.43 -1.80
C HIS A 724 -39.71 17.04 -1.17
N TRP A 725 -39.71 16.01 -2.01
CA TRP A 725 -39.59 14.64 -1.53
C TRP A 725 -39.05 13.71 -2.62
N ARG A 726 -38.47 12.59 -2.21
CA ARG A 726 -37.81 11.67 -3.14
C ARG A 726 -37.73 10.25 -2.59
N PHE A 727 -37.99 9.27 -3.45
CA PHE A 727 -37.77 7.88 -3.10
C PHE A 727 -36.98 7.18 -4.20
N PHE A 728 -36.17 6.20 -3.82
CA PHE A 728 -35.34 5.48 -4.76
C PHE A 728 -35.86 4.08 -5.05
N ASN A 729 -35.56 3.58 -6.25
CA ASN A 729 -35.80 2.18 -6.57
C ASN A 729 -34.56 1.35 -6.24
N ASP A 730 -34.71 0.03 -6.29
CA ASP A 730 -33.60 -0.87 -5.98
C ASP A 730 -32.45 -0.68 -6.98
N SER A 731 -32.79 -0.23 -8.19
CA SER A 731 -31.81 -0.01 -9.23
C SER A 731 -30.82 1.11 -8.89
N ALA A 732 -31.16 1.92 -7.89
CA ALA A 732 -30.26 2.98 -7.45
C ALA A 732 -29.13 2.38 -6.64
N ARG A 733 -29.41 1.25 -5.99
CA ARG A 733 -28.44 0.55 -5.20
C ARG A 733 -27.72 -0.50 -6.06
N ASN A 734 -28.51 -1.22 -6.86
CA ASN A 734 -27.97 -2.24 -7.74
C ASN A 734 -28.59 -2.16 -9.12
N PRO A 735 -27.83 -1.68 -10.12
CA PRO A 735 -28.29 -1.53 -11.50
C PRO A 735 -28.76 -2.86 -12.09
N GLU A 736 -28.26 -3.97 -11.56
CA GLU A 736 -28.61 -5.29 -12.06
C GLU A 736 -29.65 -5.96 -11.18
N THR A 737 -30.54 -5.16 -10.59
CA THR A 737 -31.56 -5.68 -9.69
C THR A 737 -32.61 -6.49 -10.43
N THR A 738 -33.14 -7.50 -9.75
CA THR A 738 -34.22 -8.31 -10.30
C THR A 738 -35.54 -7.87 -9.67
N ASN A 739 -35.45 -7.11 -8.59
CA ASN A 739 -36.62 -6.59 -7.89
C ASN A 739 -37.42 -5.61 -8.74
N LYS A 740 -38.74 -5.83 -8.80
CA LYS A 740 -39.63 -4.95 -9.55
C LYS A 740 -39.64 -3.54 -8.94
N PRO A 741 -39.61 -2.52 -9.80
CA PRO A 741 -39.63 -1.12 -9.33
C PRO A 741 -41.01 -0.75 -8.79
N ILE A 742 -41.07 0.32 -8.01
CA ILE A 742 -42.32 0.79 -7.42
C ILE A 742 -43.22 1.35 -8.52
N GLN A 743 -44.45 0.86 -8.58
CA GLN A 743 -45.40 1.31 -9.60
C GLN A 743 -46.26 2.48 -9.11
N GLU A 744 -46.91 2.29 -7.97
CA GLU A 744 -47.73 3.34 -7.39
C GLU A 744 -47.16 3.76 -6.04
N ALA A 745 -47.35 5.01 -5.66
CA ALA A 745 -46.85 5.50 -4.38
C ALA A 745 -47.66 6.70 -3.89
N SER A 746 -47.73 6.84 -2.57
CA SER A 746 -48.46 7.96 -1.97
C SER A 746 -47.73 8.50 -0.76
N LEU A 747 -47.55 9.81 -0.71
CA LEU A 747 -46.98 10.45 0.46
C LEU A 747 -48.10 11.16 1.21
N GLN A 748 -48.21 10.89 2.51
CA GLN A 748 -49.34 11.38 3.28
C GLN A 748 -48.92 12.06 4.58
N ILE A 749 -49.71 13.04 5.00
CA ILE A 749 -49.52 13.68 6.29
C ILE A 749 -50.74 13.37 7.15
N PHE A 750 -50.56 13.40 8.48
CA PHE A 750 -51.66 13.04 9.37
C PHE A 750 -52.76 14.10 9.40
N ASN A 751 -53.99 13.64 9.30
CA ASN A 751 -55.16 14.50 9.39
C ASN A 751 -55.46 14.85 10.84
N ILE A 752 -54.66 15.76 11.40
CA ILE A 752 -54.77 16.10 12.81
C ILE A 752 -55.92 17.07 13.05
N LYS A 753 -56.50 17.57 11.97
CA LYS A 753 -57.63 18.48 12.06
C LYS A 753 -58.92 17.76 12.40
N ASP A 754 -59.13 16.59 11.78
CA ASP A 754 -60.36 15.84 11.95
C ASP A 754 -60.20 14.66 12.90
N TYR A 755 -58.98 14.38 13.32
CA TYR A 755 -58.71 13.24 14.19
C TYR A 755 -57.74 13.57 15.31
N ASN A 756 -57.72 12.73 16.34
CA ASN A 756 -56.87 12.95 17.50
C ASN A 756 -55.52 12.25 17.34
N LEU A 757 -54.46 12.98 17.65
CA LEU A 757 -53.11 12.44 17.53
C LEU A 757 -52.87 11.33 18.54
N ASP A 758 -53.43 11.50 19.73
CA ASP A 758 -53.23 10.56 20.83
C ASP A 758 -53.71 9.16 20.46
N ASN A 759 -54.82 9.09 19.73
CA ASN A 759 -55.35 7.81 19.28
C ASN A 759 -54.42 7.12 18.28
N LEU A 760 -53.75 7.93 17.46
CA LEU A 760 -52.82 7.42 16.47
C LEU A 760 -51.63 6.74 17.12
N LEU A 761 -51.09 7.36 18.17
CA LEU A 761 -49.91 6.82 18.83
C LEU A 761 -50.19 5.55 19.62
N GLU A 762 -51.26 5.56 20.41
CA GLU A 762 -51.57 4.42 21.27
C GLU A 762 -51.90 3.16 20.49
N ASN A 763 -52.42 3.33 19.28
CA ASN A 763 -52.68 2.19 18.39
C ASN A 763 -52.52 2.57 16.92
N PRO A 764 -51.28 2.55 16.44
CA PRO A 764 -50.91 3.00 15.10
C PRO A 764 -51.47 2.16 13.96
N ASN A 765 -51.37 0.84 14.06
CA ASN A 765 -51.79 -0.04 12.98
C ASN A 765 -53.31 -0.09 12.75
N LYS A 766 -54.06 0.57 13.63
CA LYS A 766 -55.49 0.77 13.39
C LYS A 766 -55.65 1.91 12.40
N PHE A 767 -54.74 2.87 12.47
CA PHE A 767 -54.77 4.04 11.62
C PHE A 767 -53.96 3.83 10.33
N ASP A 768 -53.66 2.58 10.03
CA ASP A 768 -52.95 2.24 8.80
C ASP A 768 -53.93 2.18 7.63
N ASP A 769 -54.67 3.27 7.44
CA ASP A 769 -55.71 3.35 6.43
C ASP A 769 -55.85 4.78 5.94
N GLU A 770 -56.14 4.94 4.65
CA GLU A 770 -56.14 6.25 3.99
C GLU A 770 -57.00 7.32 4.65
N LYS A 771 -58.15 6.92 5.20
CA LYS A 771 -59.13 7.88 5.70
C LYS A 771 -58.60 8.77 6.82
N TYR A 772 -57.61 8.27 7.56
CA TYR A 772 -57.03 9.03 8.66
C TYR A 772 -55.92 9.96 8.18
N TRP A 773 -55.59 9.89 6.90
CA TRP A 773 -54.45 10.63 6.37
C TRP A 773 -54.83 11.50 5.16
N ILE A 774 -53.95 12.43 4.82
CA ILE A 774 -54.15 13.30 3.67
C ILE A 774 -53.03 13.13 2.66
N THR A 775 -53.37 12.64 1.48
CA THR A 775 -52.39 12.48 0.40
C THR A 775 -51.91 13.84 -0.10
N VAL A 776 -50.59 14.03 -0.09
CA VAL A 776 -50.01 15.30 -0.54
C VAL A 776 -49.29 15.16 -1.88
N ASP A 777 -49.06 13.92 -2.30
CA ASP A 777 -48.52 13.65 -3.64
C ASP A 777 -48.72 12.19 -4.03
N THR A 778 -48.89 11.96 -5.32
CA THR A 778 -49.11 10.62 -5.84
C THR A 778 -48.17 10.32 -7.00
N TYR A 779 -47.50 9.18 -6.93
CA TYR A 779 -46.60 8.75 -8.00
C TYR A 779 -47.15 7.57 -8.78
N SER A 780 -47.19 7.72 -10.10
CA SER A 780 -47.58 6.63 -10.99
C SER A 780 -46.46 6.40 -12.00
N ALA A 781 -45.83 5.24 -11.93
CA ALA A 781 -44.67 4.93 -12.77
C ALA A 781 -45.02 4.91 -14.25
N GLN A 782 -44.28 5.70 -15.01
CA GLN A 782 -44.46 5.81 -16.45
C GLN A 782 -44.18 4.46 -17.12
N GLY A 783 -43.07 3.85 -16.74
CA GLY A 783 -42.69 2.56 -17.29
C GLY A 783 -41.19 2.40 -17.46
N GLU A 784 -40.55 3.40 -18.04
CA GLU A 784 -39.11 3.36 -18.31
C GLU A 784 -38.32 3.22 -17.03
N ARG A 785 -37.09 2.70 -17.15
CA ARG A 785 -36.26 2.49 -15.98
C ARG A 785 -35.94 3.82 -15.29
N ALA A 786 -36.16 3.86 -13.98
CA ALA A 786 -35.92 5.05 -13.20
C ALA A 786 -35.33 4.66 -11.84
N THR A 787 -34.15 5.21 -11.53
CA THR A 787 -33.48 4.89 -10.27
C THR A 787 -34.12 5.62 -9.09
N ALA A 788 -34.88 6.67 -9.39
CA ALA A 788 -35.54 7.44 -8.34
C ALA A 788 -36.65 8.32 -8.89
N PHE A 789 -37.51 8.78 -7.99
CA PHE A 789 -38.53 9.77 -8.35
C PHE A 789 -38.49 10.91 -7.34
N SER A 790 -38.65 12.12 -7.85
CA SER A 790 -38.62 13.31 -7.03
C SER A 790 -39.71 14.28 -7.44
N ASN A 791 -40.25 15.03 -6.48
CA ASN A 791 -41.26 16.03 -6.78
C ASN A 791 -41.31 17.14 -5.73
N THR A 792 -41.87 18.28 -6.11
CA THR A 792 -41.95 19.43 -5.21
C THR A 792 -43.12 19.29 -4.25
N LEU A 793 -43.04 19.99 -3.12
CA LEU A 793 -44.13 20.00 -2.14
C LEU A 793 -44.35 21.42 -1.62
N ASN A 794 -45.62 21.76 -1.38
CA ASN A 794 -45.98 23.13 -1.06
C ASN A 794 -45.98 23.46 0.44
N ASN A 795 -44.78 23.63 0.99
CA ASN A 795 -44.61 24.09 2.37
C ASN A 795 -45.38 23.27 3.39
N ILE A 796 -45.09 21.97 3.46
CA ILE A 796 -45.77 21.07 4.38
C ILE A 796 -45.09 21.06 5.74
N THR A 797 -45.89 21.08 6.80
CA THR A 797 -45.37 21.05 8.16
C THR A 797 -46.13 20.05 9.03
N SER A 798 -45.86 18.77 8.82
CA SER A 798 -46.47 17.73 9.64
C SER A 798 -45.38 16.85 10.25
N LYS A 799 -45.47 16.62 11.56
CA LYS A 799 -44.49 15.78 12.25
C LYS A 799 -44.71 14.31 11.92
N TYR A 800 -45.96 13.95 11.64
CA TYR A 800 -46.32 12.57 11.38
C TYR A 800 -46.71 12.34 9.92
N TRP A 801 -46.14 11.29 9.34
CA TRP A 801 -46.30 11.03 7.92
C TRP A 801 -46.68 9.57 7.66
N ARG A 802 -47.13 9.31 6.44
CA ARG A 802 -47.43 7.94 6.00
C ARG A 802 -47.11 7.80 4.52
N VAL A 803 -46.41 6.73 4.18
CA VAL A 803 -46.03 6.49 2.79
C VAL A 803 -46.43 5.07 2.37
N VAL A 804 -47.00 4.96 1.18
CA VAL A 804 -47.45 3.67 0.67
C VAL A 804 -46.75 3.31 -0.64
N PHE A 805 -45.97 2.22 -0.62
CA PHE A 805 -45.29 1.74 -1.81
C PHE A 805 -46.01 0.52 -2.36
N ASP A 806 -46.06 0.41 -3.69
CA ASP A 806 -46.75 -0.70 -4.34
C ASP A 806 -46.15 -1.01 -5.71
N THR A 807 -45.70 -2.25 -5.89
CA THR A 807 -45.13 -2.68 -7.17
C THR A 807 -46.22 -3.16 -8.12
N LYS A 808 -47.43 -3.36 -7.59
CA LYS A 808 -48.58 -3.77 -8.37
C LYS A 808 -48.39 -5.10 -9.10
N GLY A 809 -47.37 -5.85 -8.72
CA GLY A 809 -47.12 -7.15 -9.32
C GLY A 809 -47.82 -8.23 -8.53
N ASP A 810 -47.32 -9.46 -8.66
CA ASP A 810 -47.85 -10.58 -7.89
C ASP A 810 -47.43 -10.41 -6.45
N ARG A 811 -47.82 -11.36 -5.60
CA ARG A 811 -47.26 -11.39 -4.27
C ARG A 811 -45.83 -11.93 -4.35
N TYR A 812 -45.09 -11.81 -3.27
CA TYR A 812 -43.66 -12.10 -3.23
C TYR A 812 -42.87 -11.14 -4.13
N SER A 813 -43.55 -10.11 -4.64
CA SER A 813 -42.90 -9.01 -5.34
C SER A 813 -42.75 -7.85 -4.37
N SER A 814 -41.86 -8.03 -3.39
CA SER A 814 -41.72 -7.10 -2.28
C SER A 814 -41.24 -5.72 -2.72
N PRO A 815 -41.87 -4.65 -2.20
CA PRO A 815 -41.50 -3.27 -2.49
C PRO A 815 -40.12 -2.96 -1.90
N VAL A 816 -39.14 -2.78 -2.77
CA VAL A 816 -37.76 -2.56 -2.33
C VAL A 816 -37.34 -1.09 -2.51
N VAL A 817 -37.21 -0.39 -1.39
CA VAL A 817 -36.87 1.03 -1.42
C VAL A 817 -35.65 1.32 -0.57
N PRO A 818 -34.50 1.61 -1.21
CA PRO A 818 -33.25 1.92 -0.52
C PRO A 818 -33.33 3.16 0.38
N GLU A 819 -34.04 4.18 -0.06
CA GLU A 819 -34.13 5.42 0.72
C GLU A 819 -35.39 6.22 0.42
N LEU A 820 -35.95 6.83 1.47
CA LEU A 820 -37.02 7.80 1.32
C LEU A 820 -36.54 9.14 1.86
N GLN A 821 -36.62 10.18 1.03
CA GLN A 821 -36.17 11.50 1.43
C GLN A 821 -37.33 12.48 1.47
N ILE A 822 -37.49 13.15 2.60
CA ILE A 822 -38.44 14.24 2.70
C ILE A 822 -37.67 15.53 2.95
N LEU A 823 -37.55 16.32 1.90
CA LEU A 823 -36.60 17.42 1.88
C LEU A 823 -37.23 18.77 2.19
N GLY A 824 -36.39 19.70 2.66
CA GLY A 824 -36.83 21.04 2.98
C GLY A 824 -35.76 21.81 3.74
N TYR A 825 -36.19 22.78 4.53
CA TYR A 825 -35.27 23.55 5.35
C TYR A 825 -35.70 23.49 6.82
N PRO A 826 -34.74 23.44 7.75
CA PRO A 826 -35.04 23.44 9.17
C PRO A 826 -35.70 24.74 9.61
N LEU A 827 -36.78 24.64 10.36
CA LEU A 827 -37.48 25.83 10.85
C LEU A 827 -38.28 25.48 12.10
N PRO A 828 -37.79 25.93 13.27
CA PRO A 828 -38.51 25.70 14.53
C PRO A 828 -39.88 26.39 14.50
N ASN A 829 -40.87 25.74 15.11
CA ASN A 829 -42.25 26.24 15.12
C ASN A 829 -42.86 26.38 13.73
N ALA A 830 -42.35 25.60 12.78
CA ALA A 830 -42.83 25.67 11.40
C ALA A 830 -44.31 25.34 11.29
N ASP A 831 -44.77 24.43 12.15
CA ASP A 831 -46.17 24.03 12.16
C ASP A 831 -47.05 25.20 12.58
N THR A 832 -46.54 26.01 13.51
CA THR A 832 -47.28 27.15 14.04
C THR A 832 -47.21 28.34 13.08
N ILE A 833 -46.07 28.51 12.43
CA ILE A 833 -45.89 29.58 11.46
C ILE A 833 -46.84 29.42 10.29
N MET A 834 -47.07 28.17 9.89
CA MET A 834 -48.00 27.90 8.80
C MET A 834 -49.46 28.01 9.25
N LYS A 835 -49.70 27.89 10.55
CA LYS A 835 -51.03 28.09 11.10
C LYS A 835 -51.46 29.54 10.94
N THR A 836 -50.61 30.45 11.38
CA THR A 836 -50.93 31.88 11.34
C THR A 836 -50.93 32.43 9.90
N VAL A 837 -50.30 31.70 8.98
CA VAL A 837 -50.32 32.10 7.57
C VAL A 837 -51.51 31.46 6.86
N THR A 838 -52.06 30.42 7.46
CA THR A 838 -53.26 29.77 6.94
C THR A 838 -54.50 30.50 7.43
N THR A 839 -54.47 30.93 8.68
CA THR A 839 -55.55 31.71 9.26
C THR A 839 -55.72 33.04 8.52
N ALA A 840 -54.60 33.60 8.08
CA ALA A 840 -54.61 34.86 7.33
C ALA A 840 -55.34 34.70 5.99
N LYS A 841 -55.27 33.51 5.42
CA LYS A 841 -55.97 33.23 4.17
C LYS A 841 -57.46 33.00 4.40
N GLU A 842 -57.78 32.35 5.52
CA GLU A 842 -59.16 32.07 5.88
C GLU A 842 -59.94 33.36 6.13
N LEU A 843 -59.32 34.28 6.87
CA LEU A 843 -59.97 35.55 7.20
C LEU A 843 -60.11 36.45 5.97
N SER A 844 -59.22 36.26 5.00
CA SER A 844 -59.27 37.05 3.77
C SER A 844 -60.47 36.65 2.91
N GLN A 845 -60.98 35.44 3.15
CA GLN A 845 -62.14 34.95 2.41
C GLN A 845 -63.44 35.25 3.15
N GLN A 846 -63.32 35.93 4.29
CA GLN A 846 -64.49 36.38 5.04
C GLN A 846 -64.76 37.85 4.72
N LYS A 847 -64.99 38.14 3.45
CA LYS A 847 -65.16 39.50 2.97
C LYS A 847 -66.46 40.13 3.44
N ASP A 848 -67.37 39.29 3.93
CA ASP A 848 -68.63 39.78 4.49
C ASP A 848 -68.43 40.25 5.92
N LYS A 849 -67.27 39.96 6.49
CA LYS A 849 -67.00 40.25 7.90
C LYS A 849 -66.09 41.46 8.09
N PHE A 850 -65.14 41.64 7.18
CA PHE A 850 -64.18 42.74 7.27
C PHE A 850 -64.19 43.63 6.04
N SER A 851 -63.82 44.89 6.23
CA SER A 851 -63.72 45.83 5.12
C SER A 851 -62.55 45.46 4.21
N GLN A 852 -62.63 45.88 2.95
CA GLN A 852 -61.58 45.61 1.99
C GLN A 852 -60.27 46.25 2.43
N LYS A 853 -60.37 47.39 3.11
CA LYS A 853 -59.19 48.10 3.59
C LYS A 853 -58.49 47.35 4.73
N MET A 854 -59.26 46.60 5.52
CA MET A 854 -58.68 45.77 6.57
C MET A 854 -58.05 44.52 5.98
N LEU A 855 -58.64 44.02 4.90
CA LEU A 855 -58.14 42.83 4.23
C LEU A 855 -56.86 43.13 3.43
N ASP A 856 -56.86 44.28 2.75
CA ASP A 856 -55.72 44.70 1.95
C ASP A 856 -54.46 44.91 2.79
N GLU A 857 -54.64 45.42 4.00
CA GLU A 857 -53.54 45.58 4.93
C GLU A 857 -53.06 44.21 5.42
N LEU A 858 -54.01 43.30 5.60
CA LEU A 858 -53.70 41.95 6.05
C LEU A 858 -52.99 41.16 4.95
N LYS A 859 -53.47 41.32 3.72
CA LYS A 859 -52.91 40.61 2.57
C LYS A 859 -51.44 40.99 2.33
N ILE A 860 -51.10 42.24 2.63
CA ILE A 860 -49.72 42.71 2.51
C ILE A 860 -48.83 41.96 3.51
N LYS A 861 -49.29 41.84 4.74
CA LYS A 861 -48.55 41.12 5.78
C LYS A 861 -48.59 39.61 5.55
N GLU A 862 -49.57 39.16 4.77
CA GLU A 862 -49.69 37.76 4.42
C GLU A 862 -48.73 37.42 3.27
N MET A 863 -48.71 38.27 2.25
CA MET A 863 -47.81 38.08 1.11
C MET A 863 -46.37 38.37 1.48
N ALA A 864 -46.16 39.03 2.61
CA ALA A 864 -44.83 39.31 3.11
C ALA A 864 -44.20 38.05 3.70
N LEU A 865 -45.03 37.26 4.38
CA LEU A 865 -44.56 36.02 4.99
C LEU A 865 -44.32 34.95 3.94
N GLU A 866 -45.25 34.82 3.00
CA GLU A 866 -45.12 33.84 1.93
C GLU A 866 -43.86 34.05 1.11
N THR A 867 -43.52 35.31 0.89
CA THR A 867 -42.33 35.65 0.11
C THR A 867 -41.06 35.18 0.81
N SER A 868 -41.04 35.28 2.14
CA SER A 868 -39.89 34.86 2.93
C SER A 868 -39.84 33.35 3.07
N LEU A 869 -41.01 32.72 3.09
CA LEU A 869 -41.11 31.26 3.17
C LEU A 869 -40.63 30.62 1.87
N ASN A 870 -40.94 31.27 0.75
CA ASN A 870 -40.53 30.76 -0.56
C ASN A 870 -39.30 31.48 -1.11
N SER A 871 -38.57 32.14 -0.22
CA SER A 871 -37.35 32.83 -0.61
C SER A 871 -36.28 31.82 -1.01
N LYS A 872 -35.60 32.09 -2.12
CA LYS A 872 -34.56 31.20 -2.62
C LYS A 872 -33.45 31.04 -1.59
N ILE A 873 -32.97 32.16 -1.05
CA ILE A 873 -32.09 32.12 0.10
C ILE A 873 -32.97 32.07 1.36
N PHE A 874 -32.98 30.91 2.01
CA PHE A 874 -33.88 30.67 3.13
C PHE A 874 -33.44 31.41 4.40
N ASP A 875 -34.16 32.48 4.74
CA ASP A 875 -33.84 33.28 5.90
C ASP A 875 -34.82 32.99 7.05
N VAL A 876 -34.33 32.30 8.07
CA VAL A 876 -35.16 31.92 9.21
C VAL A 876 -35.55 33.13 10.06
N THR A 877 -34.60 34.03 10.27
CA THR A 877 -34.86 35.23 11.06
C THR A 877 -35.94 36.10 10.44
N ALA A 878 -35.84 36.33 9.13
CA ALA A 878 -36.81 37.16 8.41
C ALA A 878 -38.20 36.52 8.40
N ILE A 879 -38.24 35.20 8.31
CA ILE A 879 -39.50 34.45 8.38
C ILE A 879 -40.18 34.66 9.73
N ASN A 880 -39.41 34.56 10.80
CA ASN A 880 -39.94 34.76 12.16
C ASN A 880 -40.50 36.16 12.33
N ALA A 881 -39.83 37.15 11.76
CA ALA A 881 -40.26 38.54 11.85
C ALA A 881 -41.60 38.74 11.13
N ASN A 882 -41.65 38.32 9.86
CA ASN A 882 -42.86 38.47 9.06
C ASN A 882 -44.04 37.64 9.57
N ALA A 883 -43.74 36.60 10.35
CA ALA A 883 -44.78 35.77 10.95
C ALA A 883 -45.29 36.42 12.23
N GLY A 884 -44.39 37.13 12.92
CA GLY A 884 -44.75 37.85 14.13
C GLY A 884 -45.56 39.09 13.82
N VAL A 885 -45.20 39.78 12.75
CA VAL A 885 -45.95 40.94 12.29
C VAL A 885 -47.36 40.53 11.90
N LEU A 886 -47.45 39.40 11.20
CA LEU A 886 -48.74 38.88 10.77
C LEU A 886 -49.60 38.45 11.95
N LYS A 887 -49.03 37.69 12.87
CA LYS A 887 -49.77 37.17 14.02
C LYS A 887 -50.33 38.27 14.91
N ASP A 888 -49.58 39.35 15.07
CA ASP A 888 -50.05 40.50 15.85
C ASP A 888 -51.17 41.24 15.12
N CYS A 889 -51.14 41.16 13.79
CA CYS A 889 -52.16 41.81 12.95
C CYS A 889 -53.49 41.05 13.01
N ILE A 890 -53.41 39.75 13.27
CA ILE A 890 -54.60 38.91 13.37
C ILE A 890 -55.18 39.01 14.79
N GLU A 891 -54.52 39.78 15.64
CA GLU A 891 -54.99 39.99 17.00
C GLU A 891 -55.27 41.47 17.29
N LYS A 892 -56.50 41.92 17.01
CA LYS A 892 -57.53 41.08 16.40
C LYS A 892 -58.19 41.77 15.22
CA CA B . -30.92 2.89 2.94
#